data_7R86
#
_entry.id   7R86
#
_cell.length_a   63.468
_cell.length_b   95.315
_cell.length_c   69.682
_cell.angle_alpha   90.000
_cell.angle_beta   105.390
_cell.angle_gamma   90.000
#
_symmetry.space_group_name_H-M   'P 1 21 1'
#
loop_
_entity.id
_entity.type
_entity.pdbx_description
1 polymer 'Reticulon-4 receptor'
2 polymer Vasculostatin-120
3 branched beta-D-glucopyranose-(1-3)-alpha-L-fucopyranose
4 non-polymer 2-acetamido-2-deoxy-beta-D-glucopyranose
5 non-polymer '4-AMINOBENZOIC ACID'
6 non-polymer 'TETRAETHYLENE GLYCOL'
7 non-polymer 1,2-ETHANEDIOL
8 non-polymer 'CHLORIDE ION'
9 non-polymer 'ACETATE ION'
10 non-polymer alpha-D-mannopyranose
11 water water
#
loop_
_entity_poly.entity_id
_entity_poly.type
_entity_poly.pdbx_seq_one_letter_code
_entity_poly.pdbx_strand_id
1 'polypeptide(L)'
;ASCPGACVCYNEPKVTTSCPQQGLQAVPTGIPASSQRIFLHGNRISHVPAASFQSCRNLTILWLHSNALARIDAAAFTGL
TLLEQLDLSDNAQLHVVDPTTFHGLGHLHTLHLDRCGLRELGPGLFRGLAALQYLYLQDNNLQALPDNTFRDLGNLTHLF
LHGNRIPSVPEHAFRGLHSLDRLLLHQNHVARVHPHAFRDLGRLMTLYLFANNLSMLPAEVLMPLRSLQYLRLNDNPWVC
DCRARPLWAWLQKFRGSSSEVPCNLPQRLADRDLKRLAASDLEGC
;
A,B
2 'polypeptide(L)' HGAWDEWSPWSLCSSTCGRGFRDRTRTCRPPQFGGNPCEGPEKQTKFCNIALCP C,D
#
loop_
_chem_comp.id
_chem_comp.type
_chem_comp.name
_chem_comp.formula
ACT non-polymer 'ACETATE ION' 'C2 H3 O2 -1'
BGC D-saccharide, beta linking beta-D-glucopyranose 'C6 H12 O6'
CL non-polymer 'CHLORIDE ION' 'Cl -1'
EDO non-polymer 1,2-ETHANEDIOL 'C2 H6 O2'
FUC L-saccharide, alpha linking alpha-L-fucopyranose 'C6 H12 O5'
MAN D-saccharide, alpha linking alpha-D-mannopyranose 'C6 H12 O6'
NAG D-saccharide, beta linking 2-acetamido-2-deoxy-beta-D-glucopyranose 'C8 H15 N O6'
PAB non-polymer '4-AMINOBENZOIC ACID' 'C7 H7 N O2'
PG4 non-polymer 'TETRAETHYLENE GLYCOL' 'C8 H18 O5'
#
# COMPACT_ATOMS: atom_id res chain seq x y z
N SER A 2 -2.28 37.47 0.42
CA SER A 2 -1.72 36.46 -0.48
C SER A 2 -2.60 35.19 -0.57
N CYS A 3 -3.17 34.74 0.56
CA CYS A 3 -4.02 33.55 0.66
C CYS A 3 -5.49 33.95 0.60
N PRO A 4 -6.32 33.20 -0.12
CA PRO A 4 -7.76 33.55 -0.17
C PRO A 4 -8.40 33.49 1.21
N GLY A 5 -9.37 34.37 1.42
CA GLY A 5 -10.01 34.52 2.73
C GLY A 5 -10.61 33.23 3.26
N ALA A 6 -11.11 32.37 2.36
CA ALA A 6 -11.74 31.13 2.75
C ALA A 6 -10.75 29.98 2.96
N CYS A 7 -9.44 30.24 2.89
CA CYS A 7 -8.45 29.19 2.81
C CYS A 7 -7.42 29.34 3.90
N VAL A 8 -6.67 28.26 4.12
CA VAL A 8 -5.40 28.34 4.86
C VAL A 8 -4.27 27.94 3.90
N CYS A 9 -3.17 28.70 3.93
CA CYS A 9 -2.04 28.47 3.03
C CYS A 9 -0.81 28.20 3.86
N TYR A 10 -0.04 27.18 3.48
CA TYR A 10 1.22 26.90 4.18
C TYR A 10 2.20 26.34 3.17
N ASN A 11 3.49 26.39 3.51
CA ASN A 11 4.54 26.07 2.55
C ASN A 11 5.15 24.69 2.71
N GLU A 12 5.10 24.13 3.92
CA GLU A 12 5.71 22.85 4.23
C GLU A 12 4.65 21.82 4.62
N PRO A 13 4.80 20.56 4.20
CA PRO A 13 5.91 20.02 3.39
C PRO A 13 5.92 20.45 1.91
N LYS A 14 4.74 20.77 1.38
CA LYS A 14 4.55 21.28 0.03
C LYS A 14 3.68 22.53 0.13
N VAL A 15 3.80 23.43 -0.84
CA VAL A 15 2.95 24.63 -0.84
C VAL A 15 1.50 24.19 -1.00
N THR A 16 0.67 24.54 -0.02
CA THR A 16 -0.67 23.98 0.06
C THR A 16 -1.67 25.12 0.23
N THR A 17 -2.72 25.10 -0.58
CA THR A 17 -3.89 25.98 -0.41
C THR A 17 -5.05 25.05 -0.07
N SER A 18 -5.59 25.18 1.16
CA SER A 18 -6.59 24.25 1.69
C SER A 18 -7.87 25.01 2.06
N CYS A 19 -8.98 24.67 1.42
CA CYS A 19 -10.23 25.34 1.75
C CYS A 19 -11.41 24.35 1.72
N PRO A 20 -11.34 23.20 2.40
CA PRO A 20 -12.44 22.22 2.34
C PRO A 20 -13.62 22.68 3.16
N GLN A 21 -14.82 22.35 2.65
CA GLN A 21 -16.03 22.48 3.43
C GLN A 21 -16.27 23.90 3.90
N GLN A 22 -15.97 24.87 3.04
CA GLN A 22 -16.18 26.28 3.38
C GLN A 22 -17.39 26.85 2.64
N GLY A 23 -18.24 26.01 2.07
CA GLY A 23 -19.43 26.51 1.40
C GLY A 23 -19.17 27.25 0.11
N LEU A 24 -18.03 26.99 -0.50
CA LEU A 24 -17.66 27.69 -1.73
C LEU A 24 -18.51 27.19 -2.90
N GLN A 25 -18.95 28.13 -3.73
CA GLN A 25 -19.73 27.81 -4.90
C GLN A 25 -18.93 27.92 -6.18
N ALA A 26 -17.69 28.38 -6.07
CA ALA A 26 -16.78 28.53 -7.19
C ALA A 26 -15.38 28.30 -6.69
N VAL A 27 -14.49 27.93 -7.62
CA VAL A 27 -13.05 27.91 -7.31
C VAL A 27 -12.65 29.30 -6.84
N PRO A 28 -12.01 29.45 -5.68
CA PRO A 28 -11.72 30.80 -5.17
C PRO A 28 -10.67 31.49 -6.02
N THR A 29 -10.84 32.82 -6.16
CA THR A 29 -9.82 33.59 -6.86
C THR A 29 -8.61 33.81 -5.96
N GLY A 30 -7.46 33.93 -6.60
CA GLY A 30 -6.25 34.28 -5.90
C GLY A 30 -5.52 33.15 -5.25
N ILE A 31 -5.74 31.91 -5.70
CA ILE A 31 -4.94 30.80 -5.16
C ILE A 31 -3.49 31.01 -5.54
N PRO A 32 -2.57 30.95 -4.59
CA PRO A 32 -1.16 31.22 -4.93
C PRO A 32 -0.64 30.34 -6.07
N ALA A 33 0.00 30.99 -7.04
CA ALA A 33 0.52 30.29 -8.21
C ALA A 33 1.53 29.22 -7.82
N SER A 34 2.22 29.39 -6.68
CA SER A 34 3.19 28.39 -6.24
C SER A 34 2.56 27.14 -5.67
N SER A 35 1.23 27.06 -5.57
CA SER A 35 0.58 25.93 -4.91
C SER A 35 1.00 24.60 -5.54
N GLN A 36 1.37 23.65 -4.69
CA GLN A 36 1.61 22.26 -5.13
C GLN A 36 0.47 21.33 -4.78
N ARG A 37 -0.34 21.71 -3.79
CA ARG A 37 -1.50 20.90 -3.41
C ARG A 37 -2.66 21.86 -3.22
N ILE A 38 -3.83 21.53 -3.79
CA ILE A 38 -5.01 22.39 -3.62
C ILE A 38 -6.12 21.50 -3.14
N PHE A 39 -6.70 21.84 -1.98
CA PHE A 39 -7.75 21.01 -1.37
C PHE A 39 -9.03 21.81 -1.39
N LEU A 40 -9.96 21.44 -2.28
CA LEU A 40 -11.23 22.15 -2.39
C LEU A 40 -12.42 21.22 -2.21
N HIS A 41 -12.19 20.06 -1.58
CA HIS A 41 -13.24 19.06 -1.40
C HIS A 41 -14.30 19.53 -0.41
N GLY A 42 -15.53 19.04 -0.59
CA GLY A 42 -16.58 19.26 0.40
C GLY A 42 -17.28 20.61 0.26
N ASN A 43 -16.96 21.34 -0.79
CA ASN A 43 -17.65 22.60 -1.03
C ASN A 43 -18.87 22.35 -1.91
N ARG A 44 -19.40 23.41 -2.53
CA ARG A 44 -20.55 23.31 -3.42
C ARG A 44 -20.22 23.88 -4.79
N ILE A 45 -18.99 23.63 -5.24
CA ILE A 45 -18.55 24.17 -6.53
C ILE A 45 -19.32 23.48 -7.64
N SER A 46 -19.88 24.25 -8.57
CA SER A 46 -20.71 23.64 -9.58
C SER A 46 -20.06 23.55 -10.95
N HIS A 47 -19.00 24.30 -11.22
CA HIS A 47 -18.42 24.40 -12.55
C HIS A 47 -16.92 24.53 -12.37
N VAL A 48 -16.14 23.88 -13.23
CA VAL A 48 -14.70 24.13 -13.30
C VAL A 48 -14.42 24.71 -14.67
N PRO A 49 -14.32 26.03 -14.78
CA PRO A 49 -14.06 26.68 -16.07
C PRO A 49 -12.66 26.35 -16.59
N ALA A 50 -12.46 26.69 -17.87
CA ALA A 50 -11.16 26.53 -18.51
C ALA A 50 -10.10 27.25 -17.70
N ALA A 51 -8.92 26.62 -17.57
CA ALA A 51 -7.74 27.27 -16.98
C ALA A 51 -7.99 27.73 -15.54
N SER A 52 -8.77 26.96 -14.78
CA SER A 52 -9.08 27.35 -13.41
C SER A 52 -7.86 27.35 -12.53
N PHE A 53 -6.82 26.59 -12.87
CA PHE A 53 -5.61 26.46 -12.05
C PHE A 53 -4.35 26.70 -12.87
N GLN A 54 -4.46 27.44 -13.98
CA GLN A 54 -3.42 27.48 -15.01
C GLN A 54 -2.08 28.01 -14.51
N SER A 55 -2.10 28.97 -13.58
CA SER A 55 -0.86 29.53 -13.08
C SER A 55 -0.11 28.58 -12.14
N CYS A 56 -0.78 27.55 -11.61
CA CYS A 56 -0.19 26.63 -10.62
C CYS A 56 0.61 25.53 -11.33
N ARG A 57 1.72 25.93 -11.97
CA ARG A 57 2.43 25.00 -12.85
C ARG A 57 3.01 23.82 -12.10
N ASN A 58 3.30 23.98 -10.81
CA ASN A 58 3.90 22.92 -10.02
C ASN A 58 2.85 22.10 -9.27
N LEU A 59 1.56 22.25 -9.61
CA LEU A 59 0.52 21.54 -8.86
C LEU A 59 0.64 20.03 -9.07
N THR A 60 0.66 19.25 -7.97
CA THR A 60 0.65 17.80 -8.13
C THR A 60 -0.57 17.14 -7.52
N ILE A 61 -1.28 17.80 -6.60
CA ILE A 61 -2.45 17.22 -5.96
CA ILE A 61 -2.46 17.21 -5.96
C ILE A 61 -3.61 18.20 -6.07
N LEU A 62 -4.73 17.74 -6.59
CA LEU A 62 -5.91 18.62 -6.72
C LEU A 62 -7.11 17.81 -6.28
N TRP A 63 -7.78 18.25 -5.22
CA TRP A 63 -8.93 17.55 -4.68
C TRP A 63 -10.15 18.41 -4.92
N LEU A 64 -11.11 17.88 -5.70
CA LEU A 64 -12.37 18.55 -5.99
C LEU A 64 -13.57 17.65 -5.68
N HIS A 65 -13.36 16.61 -4.89
CA HIS A 65 -14.43 15.66 -4.63
C HIS A 65 -15.47 16.25 -3.67
N SER A 66 -16.66 15.64 -3.69
CA SER A 66 -17.76 16.03 -2.80
CA SER A 66 -17.75 16.03 -2.80
C SER A 66 -18.11 17.50 -2.97
N ASN A 67 -18.23 17.93 -4.22
CA ASN A 67 -18.72 19.24 -4.54
C ASN A 67 -20.12 19.11 -5.16
N ALA A 68 -20.48 20.03 -6.04
CA ALA A 68 -21.74 19.94 -6.78
C ALA A 68 -21.46 20.03 -8.28
N LEU A 69 -20.37 19.44 -8.74
CA LEU A 69 -19.90 19.68 -10.11
C LEU A 69 -20.95 19.24 -11.09
N ALA A 70 -21.35 20.15 -11.95
CA ALA A 70 -22.26 19.79 -13.02
C ALA A 70 -21.60 19.92 -14.39
N ARG A 71 -20.41 20.56 -14.47
CA ARG A 71 -19.72 20.73 -15.74
C ARG A 71 -18.24 20.95 -15.43
N ILE A 72 -17.37 20.27 -16.17
CA ILE A 72 -15.93 20.52 -16.12
C ILE A 72 -15.55 20.90 -17.54
N ASP A 73 -15.00 22.10 -17.71
CA ASP A 73 -14.61 22.52 -19.04
C ASP A 73 -13.54 21.57 -19.57
N ALA A 74 -13.54 21.36 -20.89
CA ALA A 74 -12.51 20.50 -21.48
C ALA A 74 -11.10 20.99 -21.15
N ALA A 75 -10.90 22.30 -21.03
CA ALA A 75 -9.59 22.86 -20.72
C ALA A 75 -9.42 23.19 -19.24
N ALA A 76 -10.23 22.59 -18.36
CA ALA A 76 -10.18 22.94 -16.93
C ALA A 76 -8.77 22.78 -16.36
N PHE A 77 -8.02 21.78 -16.81
CA PHE A 77 -6.77 21.42 -16.16
C PHE A 77 -5.56 21.81 -16.99
N THR A 78 -5.74 22.72 -17.93
CA THR A 78 -4.60 23.20 -18.70
C THR A 78 -3.58 23.87 -17.78
N GLY A 79 -2.32 23.63 -18.09
CA GLY A 79 -1.22 24.10 -17.29
C GLY A 79 -0.72 23.11 -16.26
N LEU A 80 -1.52 22.10 -15.90
CA LEU A 80 -1.18 21.21 -14.79
C LEU A 80 -0.36 20.01 -15.27
N THR A 81 0.79 20.31 -15.93
CA THR A 81 1.53 19.24 -16.58
C THR A 81 2.20 18.29 -15.60
N LEU A 82 2.37 18.69 -14.32
CA LEU A 82 2.94 17.81 -13.32
C LEU A 82 1.88 17.17 -12.41
N LEU A 83 0.59 17.37 -12.68
CA LEU A 83 -0.44 16.86 -11.77
C LEU A 83 -0.32 15.35 -11.63
N GLU A 84 -0.35 14.88 -10.37
CA GLU A 84 -0.22 13.46 -10.07
C GLU A 84 -1.49 12.83 -9.55
N GLN A 85 -2.30 13.58 -8.80
CA GLN A 85 -3.51 13.03 -8.18
CA GLN A 85 -3.51 13.05 -8.19
C GLN A 85 -4.64 14.01 -8.46
N LEU A 86 -5.76 13.51 -9.00
CA LEU A 86 -6.92 14.34 -9.30
C LEU A 86 -8.12 13.58 -8.76
N ASP A 87 -8.78 14.15 -7.73
CA ASP A 87 -9.95 13.51 -7.11
C ASP A 87 -11.17 14.34 -7.52
N LEU A 88 -12.00 13.78 -8.38
CA LEU A 88 -13.27 14.40 -8.83
C LEU A 88 -14.49 13.64 -8.33
N SER A 89 -14.30 12.73 -7.38
CA SER A 89 -15.34 11.77 -7.01
C SER A 89 -16.47 12.46 -6.22
N ASP A 90 -17.58 11.75 -6.11
CA ASP A 90 -18.72 12.20 -5.31
C ASP A 90 -19.23 13.55 -5.83
N ASN A 91 -19.42 13.63 -7.15
CA ASN A 91 -20.12 14.75 -7.77
C ASN A 91 -21.20 14.12 -8.62
N ALA A 92 -22.29 13.70 -7.97
CA ALA A 92 -23.25 12.78 -8.60
C ALA A 92 -23.94 13.42 -9.80
N GLN A 93 -23.92 14.74 -9.94
CA GLN A 93 -24.61 15.34 -11.08
C GLN A 93 -23.65 15.68 -12.23
N LEU A 94 -22.38 15.23 -12.17
CA LEU A 94 -21.46 15.53 -13.27
C LEU A 94 -21.93 14.91 -14.58
N HIS A 95 -22.18 13.60 -14.59
CA HIS A 95 -22.79 12.85 -15.69
C HIS A 95 -21.89 12.63 -16.91
N VAL A 96 -21.13 13.64 -17.33
CA VAL A 96 -20.30 13.55 -18.54
C VAL A 96 -18.98 14.25 -18.30
N VAL A 97 -17.89 13.65 -18.77
CA VAL A 97 -16.59 14.28 -18.78
C VAL A 97 -16.14 14.40 -20.23
N ASP A 98 -15.84 15.61 -20.66
CA ASP A 98 -15.44 15.80 -22.04
C ASP A 98 -14.23 14.92 -22.31
N PRO A 99 -14.20 14.17 -23.42
CA PRO A 99 -13.13 13.18 -23.62
C PRO A 99 -11.75 13.78 -23.79
N THR A 100 -11.61 15.12 -23.87
CA THR A 100 -10.27 15.72 -23.92
C THR A 100 -9.83 16.30 -22.58
N THR A 101 -10.60 16.08 -21.52
CA THR A 101 -10.35 16.78 -20.26
C THR A 101 -9.00 16.40 -19.64
N PHE A 102 -8.56 15.17 -19.83
CA PHE A 102 -7.33 14.70 -19.20
C PHE A 102 -6.15 14.67 -20.15
N HIS A 103 -6.32 15.14 -21.37
CA HIS A 103 -5.21 15.18 -22.31
C HIS A 103 -4.12 16.09 -21.74
N GLY A 104 -2.86 15.67 -21.91
CA GLY A 104 -1.77 16.45 -21.43
C GLY A 104 -1.38 16.20 -19.99
N LEU A 105 -2.11 15.37 -19.26
CA LEU A 105 -1.76 15.12 -17.84
C LEU A 105 -0.82 13.91 -17.78
N GLY A 106 0.39 14.11 -18.28
CA GLY A 106 1.29 12.96 -18.45
C GLY A 106 1.92 12.42 -17.18
N HIS A 107 1.78 13.11 -16.04
CA HIS A 107 2.27 12.57 -14.78
C HIS A 107 1.12 12.07 -13.91
N LEU A 108 -0.12 12.09 -14.42
CA LEU A 108 -1.24 11.71 -13.57
C LEU A 108 -1.11 10.23 -13.19
N HIS A 109 -1.12 9.94 -11.88
CA HIS A 109 -1.02 8.59 -11.36
CA HIS A 109 -1.11 8.53 -11.52
C HIS A 109 -2.33 8.09 -10.75
N THR A 110 -3.17 9.00 -10.27
CA THR A 110 -4.36 8.59 -9.51
C THR A 110 -5.50 9.46 -9.99
N LEU A 111 -6.59 8.84 -10.42
CA LEU A 111 -7.72 9.59 -10.97
C LEU A 111 -8.99 9.02 -10.37
N HIS A 112 -9.71 9.85 -9.58
CA HIS A 112 -10.94 9.39 -8.93
C HIS A 112 -12.14 9.97 -9.69
N LEU A 113 -13.01 9.09 -10.24
CA LEU A 113 -14.22 9.51 -10.95
C LEU A 113 -15.42 8.70 -10.48
N ASP A 114 -15.31 8.11 -9.28
CA ASP A 114 -16.41 7.30 -8.77
C ASP A 114 -17.51 8.21 -8.24
N ARG A 115 -18.76 7.72 -8.29
CA ARG A 115 -19.90 8.49 -7.78
C ARG A 115 -20.05 9.85 -8.48
N CYS A 116 -19.94 9.84 -9.82
CA CYS A 116 -20.08 11.03 -10.65
C CYS A 116 -21.26 10.94 -11.63
N GLY A 117 -22.13 9.96 -11.46
CA GLY A 117 -23.25 9.84 -12.39
C GLY A 117 -22.84 9.58 -13.83
N LEU A 118 -21.60 9.11 -14.08
CA LEU A 118 -21.13 9.00 -15.47
C LEU A 118 -21.96 8.01 -16.26
N ARG A 119 -22.42 8.44 -17.43
CA ARG A 119 -23.21 7.60 -18.30
C ARG A 119 -22.35 6.84 -19.30
N GLU A 120 -21.19 7.37 -19.70
CA GLU A 120 -20.36 6.63 -20.62
C GLU A 120 -18.92 7.07 -20.47
N LEU A 121 -18.02 6.24 -21.02
CA LEU A 121 -16.58 6.59 -21.17
C LEU A 121 -16.35 6.94 -22.63
N GLY A 122 -16.28 8.24 -22.94
CA GLY A 122 -16.22 8.67 -24.31
C GLY A 122 -14.90 8.33 -24.99
N PRO A 123 -14.92 8.33 -26.32
CA PRO A 123 -13.72 7.94 -27.08
C PRO A 123 -12.55 8.85 -26.75
N GLY A 124 -11.43 8.23 -26.41
CA GLY A 124 -10.23 8.97 -26.09
C GLY A 124 -10.15 9.49 -24.68
N LEU A 125 -11.14 9.18 -23.82
CA LEU A 125 -11.14 9.78 -22.47
C LEU A 125 -9.82 9.54 -21.72
N PHE A 126 -9.22 8.36 -21.87
CA PHE A 126 -7.99 8.05 -21.14
C PHE A 126 -6.77 7.99 -22.06
N ARG A 127 -6.83 8.70 -23.19
CA ARG A 127 -5.73 8.73 -24.16
C ARG A 127 -4.44 9.21 -23.50
N GLY A 128 -3.36 8.47 -23.71
CA GLY A 128 -2.02 8.96 -23.36
C GLY A 128 -1.73 9.05 -21.88
N LEU A 129 -2.58 8.49 -21.00
CA LEU A 129 -2.32 8.59 -19.55
C LEU A 129 -1.39 7.45 -19.13
N ALA A 130 -0.18 7.50 -19.70
CA ALA A 130 0.75 6.39 -19.57
C ALA A 130 1.24 6.20 -18.13
N ALA A 131 1.12 7.23 -17.29
CA ALA A 131 1.58 7.09 -15.90
C ALA A 131 0.49 6.66 -14.95
N LEU A 132 -0.75 6.53 -15.42
CA LEU A 132 -1.86 6.27 -14.52
C LEU A 132 -1.73 4.91 -13.86
N GLN A 133 -1.89 4.87 -12.53
CA GLN A 133 -1.79 3.65 -11.70
C GLN A 133 -3.12 3.24 -11.10
N TYR A 134 -3.93 4.21 -10.64
CA TYR A 134 -5.20 3.92 -9.98
C TYR A 134 -6.32 4.67 -10.69
N LEU A 135 -7.35 3.96 -11.11
CA LEU A 135 -8.48 4.57 -11.83
C LEU A 135 -9.77 4.09 -11.20
N TYR A 136 -10.52 5.02 -10.59
CA TYR A 136 -11.72 4.67 -9.82
C TYR A 136 -12.92 5.14 -10.61
N LEU A 137 -13.72 4.19 -11.06
CA LEU A 137 -14.90 4.50 -11.86
C LEU A 137 -16.12 3.83 -11.27
N GLN A 138 -16.04 3.38 -10.02
CA GLN A 138 -17.16 2.62 -9.46
C GLN A 138 -18.34 3.56 -9.19
N ASP A 139 -19.53 2.94 -9.07
CA ASP A 139 -20.73 3.63 -8.59
C ASP A 139 -21.06 4.81 -9.51
N ASN A 140 -21.02 4.56 -10.81
CA ASN A 140 -21.52 5.47 -11.81
C ASN A 140 -22.74 4.86 -12.48
N ASN A 141 -22.98 5.22 -13.73
CA ASN A 141 -24.10 4.70 -14.49
C ASN A 141 -23.65 4.13 -15.81
N LEU A 142 -22.46 3.55 -15.83
CA LEU A 142 -21.87 3.06 -17.07
C LEU A 142 -22.66 1.88 -17.62
N GLN A 143 -22.96 1.91 -18.93
CA GLN A 143 -23.75 0.87 -19.54
C GLN A 143 -22.98 0.14 -20.62
N ALA A 144 -21.68 0.40 -20.72
CA ALA A 144 -20.87 -0.23 -21.75
C ALA A 144 -19.41 -0.08 -21.37
N LEU A 145 -18.60 -1.07 -21.78
CA LEU A 145 -17.14 -0.96 -21.69
C LEU A 145 -16.59 -1.07 -23.10
N PRO A 146 -16.40 0.03 -23.80
CA PRO A 146 -16.01 -0.07 -25.22
C PRO A 146 -14.60 -0.62 -25.36
N ASP A 147 -14.37 -1.30 -26.48
CA ASP A 147 -13.04 -1.73 -26.87
C ASP A 147 -12.05 -0.57 -26.76
N ASN A 148 -10.87 -0.87 -26.20
CA ASN A 148 -9.71 0.02 -26.23
C ASN A 148 -9.85 1.24 -25.33
N THR A 149 -10.84 1.20 -24.43
CA THR A 149 -11.05 2.31 -23.51
C THR A 149 -9.82 2.58 -22.63
N PHE A 150 -9.03 1.54 -22.30
CA PHE A 150 -7.89 1.67 -21.41
C PHE A 150 -6.57 1.32 -22.11
N ARG A 151 -6.53 1.42 -23.44
CA ARG A 151 -5.41 0.80 -24.18
C ARG A 151 -4.07 1.43 -23.90
N ASP A 152 -4.04 2.71 -23.50
CA ASP A 152 -2.76 3.37 -23.22
C ASP A 152 -2.32 3.23 -21.76
N LEU A 153 -3.12 2.58 -20.92
CA LEU A 153 -2.87 2.61 -19.47
C LEU A 153 -1.99 1.43 -19.06
N GLY A 154 -0.79 1.40 -19.65
CA GLY A 154 0.10 0.26 -19.45
C GLY A 154 0.68 0.14 -18.05
N ASN A 155 0.55 1.20 -17.22
CA ASN A 155 1.03 1.21 -15.85
C ASN A 155 -0.11 1.06 -14.85
N LEU A 156 -1.35 0.95 -15.32
CA LEU A 156 -2.48 0.87 -14.40
C LEU A 156 -2.41 -0.41 -13.59
N THR A 157 -2.57 -0.27 -12.26
CA THR A 157 -2.62 -1.47 -11.44
C THR A 157 -3.95 -1.70 -10.79
N HIS A 158 -4.77 -0.65 -10.59
CA HIS A 158 -6.07 -0.83 -9.94
C HIS A 158 -7.13 -0.20 -10.82
N LEU A 159 -8.15 -0.99 -11.19
CA LEU A 159 -9.26 -0.50 -12.02
C LEU A 159 -10.55 -0.91 -11.33
N PHE A 160 -11.27 0.06 -10.77
CA PHE A 160 -12.50 -0.24 -10.05
C PHE A 160 -13.67 0.18 -10.93
N LEU A 161 -14.54 -0.78 -11.29
CA LEU A 161 -15.68 -0.55 -12.18
C LEU A 161 -16.97 -1.07 -11.58
N HIS A 162 -16.95 -1.43 -10.31
CA HIS A 162 -18.11 -2.05 -9.68
C HIS A 162 -19.23 -1.03 -9.51
N GLY A 163 -20.47 -1.54 -9.42
CA GLY A 163 -21.58 -0.65 -9.14
C GLY A 163 -22.00 0.15 -10.35
N ASN A 164 -21.90 -0.44 -11.54
CA ASN A 164 -22.39 0.20 -12.77
C ASN A 164 -23.42 -0.73 -13.40
N ARG A 165 -23.72 -0.56 -14.68
CA ARG A 165 -24.73 -1.38 -15.37
C ARG A 165 -24.12 -2.04 -16.61
N ILE A 166 -22.85 -2.45 -16.48
CA ILE A 166 -22.11 -3.01 -17.63
C ILE A 166 -22.70 -4.36 -17.96
N PRO A 167 -23.13 -4.60 -19.20
CA PRO A 167 -23.87 -5.85 -19.50
C PRO A 167 -22.99 -6.94 -20.08
N SER A 168 -21.74 -6.61 -20.42
CA SER A 168 -20.89 -7.60 -21.09
C SER A 168 -19.47 -7.04 -21.12
N VAL A 169 -18.51 -7.95 -21.33
CA VAL A 169 -17.10 -7.55 -21.47
C VAL A 169 -16.64 -7.93 -22.86
N PRO A 170 -16.46 -6.99 -23.78
CA PRO A 170 -16.01 -7.33 -25.13
C PRO A 170 -14.52 -7.65 -25.18
N GLU A 171 -14.13 -8.16 -26.35
CA GLU A 171 -12.80 -8.71 -26.53
C GLU A 171 -11.71 -7.72 -26.13
N HIS A 172 -11.86 -6.44 -26.49
CA HIS A 172 -10.75 -5.50 -26.28
C HIS A 172 -11.01 -4.46 -25.21
N ALA A 173 -12.03 -4.69 -24.37
CA ALA A 173 -12.29 -3.76 -23.28
C ALA A 173 -11.03 -3.49 -22.47
N PHE A 174 -10.27 -4.55 -22.19
CA PHE A 174 -9.13 -4.46 -21.27
C PHE A 174 -7.81 -4.62 -21.99
N ARG A 175 -7.81 -4.37 -23.29
CA ARG A 175 -6.57 -4.39 -24.05
C ARG A 175 -5.62 -3.34 -23.49
N GLY A 176 -4.34 -3.71 -23.36
CA GLY A 176 -3.32 -2.76 -22.93
C GLY A 176 -3.03 -2.72 -21.47
N LEU A 177 -3.75 -3.46 -20.66
CA LEU A 177 -3.63 -3.30 -19.20
C LEU A 177 -2.61 -4.29 -18.62
N HIS A 178 -1.37 -4.20 -19.14
CA HIS A 178 -0.39 -5.24 -18.87
C HIS A 178 0.06 -5.29 -17.42
N SER A 179 -0.08 -4.18 -16.68
CA SER A 179 0.38 -4.13 -15.28
C SER A 179 -0.75 -4.38 -14.29
N LEU A 180 -1.97 -4.62 -14.77
CA LEU A 180 -3.13 -4.58 -13.89
C LEU A 180 -3.02 -5.66 -12.81
N ASP A 181 -3.29 -5.26 -11.56
CA ASP A 181 -3.24 -6.08 -10.37
C ASP A 181 -4.65 -6.43 -9.88
N ARG A 182 -5.53 -5.44 -9.74
CA ARG A 182 -6.87 -5.72 -9.20
C ARG A 182 -7.90 -5.18 -10.17
N LEU A 183 -8.85 -6.02 -10.56
CA LEU A 183 -9.91 -5.59 -11.47
C LEU A 183 -11.23 -5.86 -10.76
N LEU A 184 -11.97 -4.80 -10.44
CA LEU A 184 -13.20 -4.94 -9.64
C LEU A 184 -14.37 -4.70 -10.58
N LEU A 185 -15.10 -5.76 -10.92
CA LEU A 185 -16.21 -5.72 -11.87
C LEU A 185 -17.50 -6.24 -11.25
N HIS A 186 -17.55 -6.40 -9.93
CA HIS A 186 -18.73 -6.90 -9.26
C HIS A 186 -19.88 -5.87 -9.30
N GLN A 187 -21.08 -6.33 -8.97
CA GLN A 187 -22.26 -5.45 -8.94
C GLN A 187 -22.42 -4.71 -10.26
N ASN A 188 -22.47 -5.46 -11.34
CA ASN A 188 -22.78 -4.92 -12.67
C ASN A 188 -23.90 -5.80 -13.23
N HIS A 189 -24.06 -5.79 -14.55
CA HIS A 189 -25.07 -6.62 -15.22
C HIS A 189 -24.40 -7.59 -16.18
N VAL A 190 -23.17 -8.03 -15.87
CA VAL A 190 -22.35 -8.70 -16.87
C VAL A 190 -22.97 -10.06 -17.18
N ALA A 191 -23.39 -10.25 -18.44
CA ALA A 191 -23.98 -11.53 -18.82
C ALA A 191 -23.02 -12.40 -19.62
N ARG A 192 -21.92 -11.82 -20.09
CA ARG A 192 -20.94 -12.65 -20.79
C ARG A 192 -19.61 -11.92 -20.82
N VAL A 193 -18.56 -12.72 -20.88
CA VAL A 193 -17.21 -12.21 -21.00
C VAL A 193 -16.63 -12.82 -22.27
N HIS A 194 -16.11 -11.98 -23.16
CA HIS A 194 -15.56 -12.52 -24.40
C HIS A 194 -14.42 -13.50 -24.07
N PRO A 195 -14.29 -14.62 -24.79
CA PRO A 195 -13.25 -15.61 -24.47
C PRO A 195 -11.86 -15.05 -24.31
N HIS A 196 -11.53 -13.99 -25.04
CA HIS A 196 -10.17 -13.45 -25.01
C HIS A 196 -10.10 -12.11 -24.32
N ALA A 197 -11.11 -11.78 -23.51
CA ALA A 197 -11.20 -10.46 -22.90
C ALA A 197 -10.04 -10.18 -21.96
N PHE A 198 -9.44 -11.23 -21.37
CA PHE A 198 -8.40 -11.04 -20.37
C PHE A 198 -7.02 -11.35 -20.91
N ARG A 199 -6.86 -11.35 -22.24
CA ARG A 199 -5.59 -11.73 -22.85
C ARG A 199 -4.42 -10.97 -22.26
N ASP A 200 -4.58 -9.67 -22.00
CA ASP A 200 -3.44 -8.86 -21.56
C ASP A 200 -3.26 -8.83 -20.02
N LEU A 201 -4.06 -9.59 -19.29
CA LEU A 201 -4.10 -9.53 -17.83
C LEU A 201 -3.31 -10.66 -17.18
N GLY A 202 -2.22 -11.07 -17.81
CA GLY A 202 -1.35 -12.08 -17.23
C GLY A 202 -0.75 -11.72 -15.88
N ARG A 203 -0.77 -10.44 -15.49
CA ARG A 203 -0.24 -10.05 -14.19
C ARG A 203 -1.34 -9.80 -13.16
N LEU A 204 -2.60 -9.99 -13.54
CA LEU A 204 -3.69 -9.75 -12.60
C LEU A 204 -3.62 -10.71 -11.40
N MET A 205 -3.85 -10.17 -10.20
CA MET A 205 -3.86 -10.99 -9.02
C MET A 205 -5.23 -11.08 -8.36
N THR A 206 -6.10 -10.07 -8.56
CA THR A 206 -7.43 -10.07 -7.95
C THR A 206 -8.47 -9.77 -9.03
N LEU A 207 -9.50 -10.61 -9.11
CA LEU A 207 -10.59 -10.40 -10.06
C LEU A 207 -11.91 -10.61 -9.30
N TYR A 208 -12.76 -9.59 -9.29
CA TYR A 208 -14.12 -9.71 -8.69
C TYR A 208 -15.14 -9.67 -9.81
N LEU A 209 -15.95 -10.73 -9.93
CA LEU A 209 -17.05 -10.77 -10.89
C LEU A 209 -18.36 -11.09 -10.20
N PHE A 210 -18.40 -11.04 -8.88
CA PHE A 210 -19.61 -11.45 -8.18
C PHE A 210 -20.69 -10.39 -8.38
N ALA A 211 -21.93 -10.80 -8.09
CA ALA A 211 -23.12 -9.98 -8.27
C ALA A 211 -23.22 -9.46 -9.70
N ASN A 212 -23.29 -10.40 -10.63
CA ASN A 212 -23.49 -10.10 -12.06
C ASN A 212 -24.59 -11.03 -12.61
N ASN A 213 -24.61 -11.21 -13.93
CA ASN A 213 -25.66 -11.96 -14.60
C ASN A 213 -25.05 -13.14 -15.35
N LEU A 214 -23.97 -13.71 -14.82
CA LEU A 214 -23.27 -14.81 -15.50
C LEU A 214 -23.90 -16.16 -15.19
N SER A 215 -24.25 -16.92 -16.23
CA SER A 215 -24.62 -18.30 -16.03
C SER A 215 -23.50 -19.26 -16.42
N MET A 216 -22.49 -18.80 -17.16
CA MET A 216 -21.41 -19.65 -17.63
C MET A 216 -20.27 -18.75 -18.08
N LEU A 217 -19.06 -19.32 -18.14
CA LEU A 217 -17.85 -18.65 -18.64
C LEU A 217 -17.21 -19.54 -19.70
N PRO A 218 -16.92 -19.02 -20.89
CA PRO A 218 -16.22 -19.82 -21.90
C PRO A 218 -14.91 -20.37 -21.36
N ALA A 219 -14.48 -21.48 -21.97
CA ALA A 219 -13.29 -22.16 -21.50
C ALA A 219 -12.08 -21.22 -21.50
N GLU A 220 -11.98 -20.34 -22.47
CA GLU A 220 -10.77 -19.54 -22.57
C GLU A 220 -10.68 -18.36 -21.59
N VAL A 221 -11.78 -17.92 -20.98
CA VAL A 221 -11.81 -16.63 -20.28
C VAL A 221 -10.71 -16.53 -19.22
N LEU A 222 -10.61 -17.53 -18.35
CA LEU A 222 -9.69 -17.39 -17.23
C LEU A 222 -8.30 -17.90 -17.54
N MET A 223 -8.12 -18.58 -18.69
N MET A 223 -8.11 -18.55 -18.69
CA MET A 223 -6.82 -19.14 -19.02
CA MET A 223 -6.80 -19.15 -18.99
C MET A 223 -5.67 -18.14 -18.96
C MET A 223 -5.64 -18.15 -19.00
N PRO A 224 -5.79 -16.90 -19.47
CA PRO A 224 -4.64 -15.98 -19.40
C PRO A 224 -4.24 -15.51 -18.01
N LEU A 225 -5.03 -15.82 -16.96
CA LEU A 225 -4.84 -15.21 -15.65
C LEU A 225 -3.84 -16.00 -14.81
N ARG A 226 -2.62 -16.02 -15.32
CA ARG A 226 -1.58 -16.88 -14.80
C ARG A 226 -1.03 -16.41 -13.44
N SER A 227 -1.29 -15.18 -13.03
CA SER A 227 -0.83 -14.71 -11.73
C SER A 227 -1.96 -14.65 -10.71
N LEU A 228 -3.18 -15.07 -11.08
CA LEU A 228 -4.33 -14.80 -10.22
C LEU A 228 -4.19 -15.48 -8.87
N GLN A 229 -4.55 -14.75 -7.81
CA GLN A 229 -4.54 -15.25 -6.43
C GLN A 229 -5.89 -15.19 -5.75
N TYR A 230 -6.76 -14.26 -6.14
CA TYR A 230 -8.03 -14.06 -5.45
C TYR A 230 -9.12 -13.88 -6.51
N LEU A 231 -10.19 -14.70 -6.41
CA LEU A 231 -11.21 -14.72 -7.45
C LEU A 231 -12.57 -14.77 -6.78
N ARG A 232 -13.45 -13.83 -7.11
CA ARG A 232 -14.82 -13.86 -6.57
C ARG A 232 -15.82 -13.99 -7.70
N LEU A 233 -16.66 -15.03 -7.58
CA LEU A 233 -17.62 -15.39 -8.61
C LEU A 233 -19.00 -15.62 -8.05
N ASN A 234 -19.21 -15.36 -6.76
CA ASN A 234 -20.49 -15.68 -6.15
C ASN A 234 -21.61 -14.74 -6.64
N ASP A 235 -22.84 -15.03 -6.23
CA ASP A 235 -24.02 -14.21 -6.60
C ASP A 235 -24.08 -14.00 -8.12
N ASN A 236 -24.02 -15.11 -8.84
CA ASN A 236 -24.34 -15.18 -10.26
C ASN A 236 -25.22 -16.39 -10.49
N PRO A 237 -26.07 -16.36 -11.52
CA PRO A 237 -26.97 -17.49 -11.81
C PRO A 237 -26.30 -18.65 -12.56
N TRP A 238 -25.30 -19.27 -11.93
CA TRP A 238 -24.52 -20.31 -12.58
C TRP A 238 -25.37 -21.52 -12.94
N VAL A 239 -25.16 -22.05 -14.14
CA VAL A 239 -25.79 -23.32 -14.52
C VAL A 239 -24.76 -24.42 -14.37
N CYS A 240 -25.08 -25.40 -13.54
CA CYS A 240 -24.16 -26.49 -13.24
C CYS A 240 -24.58 -27.75 -13.98
N ASP A 241 -24.52 -27.65 -15.30
CA ASP A 241 -24.58 -28.87 -16.10
C ASP A 241 -23.27 -28.98 -16.89
N CYS A 242 -23.27 -29.78 -17.97
CA CYS A 242 -22.01 -30.02 -18.64
C CYS A 242 -21.39 -28.74 -19.22
N ARG A 243 -22.19 -27.69 -19.41
CA ARG A 243 -21.62 -26.43 -19.87
C ARG A 243 -20.66 -25.81 -18.85
N ALA A 244 -20.76 -26.21 -17.59
CA ALA A 244 -19.85 -25.74 -16.53
C ALA A 244 -18.56 -26.55 -16.44
N ARG A 245 -18.41 -27.62 -17.23
CA ARG A 245 -17.23 -28.47 -17.03
C ARG A 245 -15.91 -27.71 -17.15
N PRO A 246 -15.71 -26.85 -18.16
CA PRO A 246 -14.40 -26.17 -18.22
C PRO A 246 -14.12 -25.29 -17.02
N LEU A 247 -15.11 -24.54 -16.53
CA LEU A 247 -14.95 -23.73 -15.31
C LEU A 247 -14.67 -24.63 -14.12
N TRP A 248 -15.41 -25.72 -13.99
CA TRP A 248 -15.14 -26.65 -12.92
C TRP A 248 -13.69 -27.11 -12.95
N ALA A 249 -13.23 -27.54 -14.13
CA ALA A 249 -11.88 -28.08 -14.28
C ALA A 249 -10.85 -27.02 -13.94
N TRP A 250 -11.08 -25.79 -14.39
CA TRP A 250 -10.14 -24.71 -14.06
C TRP A 250 -10.09 -24.48 -12.57
N LEU A 251 -11.26 -24.46 -11.94
CA LEU A 251 -11.31 -24.26 -10.49
C LEU A 251 -10.63 -25.40 -9.74
N GLN A 252 -10.67 -26.63 -10.26
CA GLN A 252 -10.00 -27.71 -9.54
C GLN A 252 -8.50 -27.47 -9.49
N LYS A 253 -7.92 -26.89 -10.55
CA LYS A 253 -6.48 -26.68 -10.66
C LYS A 253 -6.01 -25.32 -10.11
N PHE A 254 -6.92 -24.40 -9.81
CA PHE A 254 -6.53 -23.07 -9.34
C PHE A 254 -5.83 -23.15 -7.99
N ARG A 255 -4.66 -22.52 -7.88
CA ARG A 255 -3.86 -22.59 -6.66
C ARG A 255 -4.12 -21.43 -5.72
N GLY A 256 -4.94 -20.45 -6.11
CA GLY A 256 -5.32 -19.34 -5.25
C GLY A 256 -6.60 -19.60 -4.49
N SER A 257 -7.27 -18.52 -4.06
CA SER A 257 -8.51 -18.64 -3.28
C SER A 257 -9.64 -18.11 -4.12
N SER A 258 -10.71 -18.89 -4.22
CA SER A 258 -11.88 -18.45 -4.96
C SER A 258 -13.07 -18.48 -4.02
N SER A 259 -14.06 -17.65 -4.32
CA SER A 259 -15.31 -17.68 -3.60
C SER A 259 -16.02 -19.00 -3.89
N GLU A 260 -17.10 -19.25 -3.14
CA GLU A 260 -18.06 -20.24 -3.60
C GLU A 260 -18.61 -19.81 -4.97
N VAL A 261 -18.99 -20.80 -5.78
CA VAL A 261 -19.56 -20.59 -7.12
C VAL A 261 -20.93 -21.26 -7.10
N PRO A 262 -21.97 -20.59 -6.61
CA PRO A 262 -23.18 -21.33 -6.24
C PRO A 262 -24.01 -21.70 -7.47
N CYS A 263 -24.40 -22.98 -7.54
CA CYS A 263 -25.26 -23.41 -8.62
C CYS A 263 -26.64 -22.83 -8.47
N ASN A 264 -27.15 -22.21 -9.52
CA ASN A 264 -28.54 -21.80 -9.52
C ASN A 264 -29.47 -22.88 -10.06
N LEU A 265 -29.05 -23.55 -11.12
CA LEU A 265 -29.78 -24.62 -11.77
C LEU A 265 -28.76 -25.66 -12.19
N PRO A 266 -29.17 -26.89 -12.42
CA PRO A 266 -30.51 -27.48 -12.26
C PRO A 266 -30.93 -27.50 -10.79
N GLN A 267 -32.22 -27.67 -10.55
CA GLN A 267 -32.74 -27.57 -9.19
C GLN A 267 -32.11 -28.59 -8.25
N ARG A 268 -31.81 -29.80 -8.73
CA ARG A 268 -31.25 -30.81 -7.85
CA ARG A 268 -31.26 -30.81 -7.83
C ARG A 268 -29.88 -30.43 -7.29
N LEU A 269 -29.16 -29.53 -7.97
N LEU A 269 -29.18 -29.49 -7.94
CA LEU A 269 -27.87 -29.02 -7.51
CA LEU A 269 -27.88 -29.01 -7.49
C LEU A 269 -27.96 -27.60 -6.96
C LEU A 269 -27.94 -27.60 -6.90
N ALA A 270 -29.15 -27.01 -6.89
N ALA A 270 -29.12 -27.09 -6.57
CA ALA A 270 -29.26 -25.61 -6.49
CA ALA A 270 -29.25 -25.67 -6.23
C ALA A 270 -28.80 -25.36 -5.06
C ALA A 270 -28.47 -25.32 -4.95
N ASP A 271 -28.46 -26.40 -4.31
N ASP A 271 -27.74 -24.19 -5.02
CA ASP A 271 -27.92 -26.22 -2.98
CA ASP A 271 -26.94 -23.63 -3.92
C ASP A 271 -26.41 -26.39 -2.91
C ASP A 271 -25.66 -24.42 -3.68
N ARG A 272 -25.65 -26.24 -4.03
N ARG A 272 -25.54 -25.60 -4.30
CA ARG A 272 -24.24 -26.63 -4.08
CA ARG A 272 -24.30 -26.35 -4.24
C ARG A 272 -23.30 -25.60 -4.71
C ARG A 272 -23.20 -25.55 -4.89
N ASP A 273 -22.01 -25.77 -4.42
CA ASP A 273 -20.91 -24.97 -4.92
C ASP A 273 -20.29 -25.73 -6.08
N LEU A 274 -20.26 -25.12 -7.25
CA LEU A 274 -19.68 -25.78 -8.43
C LEU A 274 -18.31 -26.38 -8.11
N LYS A 275 -17.50 -25.68 -7.30
CA LYS A 275 -16.16 -26.15 -6.97
C LYS A 275 -16.18 -27.52 -6.32
N ARG A 276 -17.20 -27.81 -5.52
CA ARG A 276 -17.30 -29.03 -4.76
C ARG A 276 -18.04 -30.13 -5.49
N LEU A 277 -18.52 -29.89 -6.69
CA LEU A 277 -19.19 -30.97 -7.43
C LEU A 277 -18.16 -32.04 -7.82
N ALA A 278 -18.67 -33.25 -8.01
CA ALA A 278 -17.86 -34.31 -8.58
C ALA A 278 -17.85 -34.18 -10.10
N ALA A 279 -16.78 -34.68 -10.73
CA ALA A 279 -16.75 -34.63 -12.18
C ALA A 279 -18.01 -35.23 -12.82
N SER A 280 -18.58 -36.29 -12.24
CA SER A 280 -19.73 -36.94 -12.87
C SER A 280 -20.91 -35.98 -13.02
N ASP A 281 -21.02 -34.95 -12.16
CA ASP A 281 -22.13 -33.99 -12.25
C ASP A 281 -22.01 -33.10 -13.48
N LEU A 282 -20.83 -33.00 -14.09
CA LEU A 282 -20.65 -32.08 -15.20
C LEU A 282 -20.36 -32.80 -16.52
N GLU A 283 -20.59 -34.11 -16.55
CA GLU A 283 -20.41 -34.88 -17.77
C GLU A 283 -21.58 -34.67 -18.72
N GLY A 284 -21.35 -34.91 -20.02
CA GLY A 284 -22.43 -34.81 -21.01
C GLY A 284 -22.07 -34.02 -22.25
N CYS A 285 -21.12 -33.10 -22.09
CA CYS A 285 -20.64 -32.25 -23.18
C CYS A 285 -19.37 -31.52 -22.71
N ALA B 1 -15.42 30.34 21.88
CA ALA B 1 -15.65 30.19 20.45
C ALA B 1 -15.69 28.71 20.04
N SER B 2 -16.31 28.44 18.88
CA SER B 2 -16.43 27.06 18.42
C SER B 2 -15.10 26.54 17.86
N CYS B 3 -14.43 27.32 16.96
CA CYS B 3 -13.14 26.95 16.37
C CYS B 3 -12.03 27.86 16.87
N PRO B 4 -10.84 27.32 17.19
CA PRO B 4 -9.73 28.20 17.57
C PRO B 4 -9.41 29.15 16.43
N GLY B 5 -8.96 30.36 16.79
CA GLY B 5 -8.74 31.39 15.80
C GLY B 5 -7.71 31.00 14.73
N ALA B 6 -6.68 30.27 15.12
CA ALA B 6 -5.64 29.92 14.17
C ALA B 6 -5.96 28.69 13.34
N CYS B 7 -7.18 28.17 13.41
CA CYS B 7 -7.50 26.94 12.71
C CYS B 7 -8.76 26.97 11.92
N VAL B 8 -8.87 26.03 11.00
CA VAL B 8 -10.12 25.83 10.27
C VAL B 8 -10.75 24.54 10.76
N CYS B 9 -12.05 24.58 11.03
CA CYS B 9 -12.79 23.44 11.55
C CYS B 9 -13.90 23.07 10.58
N TYR B 10 -14.02 21.78 10.26
CA TYR B 10 -15.12 21.32 9.41
C TYR B 10 -15.52 19.91 9.82
N ASN B 11 -16.72 19.50 9.38
CA ASN B 11 -17.34 18.25 9.86
C ASN B 11 -17.20 17.07 8.93
N GLU B 12 -17.03 17.27 7.62
CA GLU B 12 -17.04 16.16 6.69
C GLU B 12 -15.73 16.05 5.94
N PRO B 13 -15.27 14.83 5.62
CA PRO B 13 -15.82 13.48 5.89
C PRO B 13 -15.67 13.05 7.36
N LYS B 14 -14.70 13.64 8.06
CA LYS B 14 -14.50 13.46 9.49
C LYS B 14 -14.35 14.84 10.11
N VAL B 15 -14.75 14.98 11.38
CA VAL B 15 -14.63 16.27 12.05
C VAL B 15 -13.14 16.57 12.15
N THR B 16 -12.73 17.68 11.57
CA THR B 16 -11.33 18.00 11.38
C THR B 16 -11.05 19.38 11.93
N THR B 17 -10.02 19.49 12.75
CA THR B 17 -9.47 20.76 13.20
C THR B 17 -8.06 20.83 12.62
N SER B 18 -7.84 21.75 11.68
CA SER B 18 -6.60 21.82 10.92
C SER B 18 -5.93 23.18 11.15
N CYS B 19 -4.73 23.17 11.68
CA CYS B 19 -4.05 24.43 11.94
C CYS B 19 -2.56 24.31 11.61
N PRO B 20 -2.18 23.85 10.43
CA PRO B 20 -0.76 23.64 10.15
C PRO B 20 -0.04 24.96 9.90
N GLN B 21 1.19 25.03 10.40
CA GLN B 21 2.13 26.11 10.07
C GLN B 21 1.52 27.48 10.35
N GLN B 22 0.87 27.60 11.50
CA GLN B 22 0.30 28.87 11.95
C GLN B 22 1.16 29.55 13.03
N GLY B 23 2.40 29.11 13.23
CA GLY B 23 3.26 29.72 14.22
C GLY B 23 2.86 29.47 15.66
N LEU B 24 2.04 28.45 15.90
CA LEU B 24 1.56 28.19 17.25
C LEU B 24 2.69 27.71 18.13
N GLN B 25 2.77 28.26 19.33
CA GLN B 25 3.78 27.83 20.27
C GLN B 25 3.24 26.85 21.32
N ALA B 26 1.95 26.54 21.26
CA ALA B 26 1.31 25.58 22.14
C ALA B 26 0.10 25.00 21.42
N VAL B 27 -0.35 23.85 21.90
CA VAL B 27 -1.64 23.29 21.44
C VAL B 27 -2.71 24.34 21.72
N PRO B 28 -3.49 24.73 20.74
CA PRO B 28 -4.45 25.82 20.98
C PRO B 28 -5.60 25.33 21.85
N THR B 29 -6.09 26.25 22.71
CA THR B 29 -7.26 25.93 23.51
C THR B 29 -8.50 25.96 22.63
N GLY B 30 -9.51 25.21 23.04
CA GLY B 30 -10.78 25.26 22.32
C GLY B 30 -10.87 24.39 21.09
N ILE B 31 -10.05 23.37 20.95
CA ILE B 31 -10.24 22.42 19.85
C ILE B 31 -11.57 21.70 20.06
N PRO B 32 -12.44 21.63 19.07
CA PRO B 32 -13.75 20.98 19.29
C PRO B 32 -13.58 19.54 19.76
N ALA B 33 -14.30 19.22 20.82
CA ALA B 33 -14.23 17.89 21.42
C ALA B 33 -14.65 16.80 20.44
N SER B 34 -15.50 17.11 19.47
CA SER B 34 -15.90 16.12 18.48
C SER B 34 -14.83 15.84 17.44
N SER B 35 -13.67 16.50 17.51
CA SER B 35 -12.64 16.31 16.49
C SER B 35 -12.26 14.84 16.30
N GLN B 36 -12.23 14.42 15.05
CA GLN B 36 -11.71 13.11 14.68
C GLN B 36 -10.32 13.18 14.07
N ARG B 37 -9.94 14.34 13.55
CA ARG B 37 -8.60 14.55 12.98
C ARG B 37 -8.12 15.91 13.46
N ILE B 38 -6.88 15.97 13.96
CA ILE B 38 -6.28 17.21 14.42
C ILE B 38 -4.95 17.36 13.71
N PHE B 39 -4.76 18.46 12.96
CA PHE B 39 -3.55 18.66 12.17
C PHE B 39 -2.83 19.86 12.75
N LEU B 40 -1.73 19.59 13.47
CA LEU B 40 -0.96 20.64 14.12
C LEU B 40 0.50 20.64 13.67
N HIS B 41 0.77 20.04 12.52
CA HIS B 41 2.16 19.95 12.04
C HIS B 41 2.69 21.31 11.57
N GLY B 42 4.02 21.48 11.70
CA GLY B 42 4.63 22.64 11.08
C GLY B 42 4.55 23.89 11.92
N ASN B 43 4.07 23.77 13.15
CA ASN B 43 4.03 24.88 14.09
C ASN B 43 5.34 24.89 14.90
N ARG B 44 5.34 25.59 16.02
CA ARG B 44 6.50 25.71 16.89
C ARG B 44 6.16 25.24 18.31
N ILE B 45 5.31 24.22 18.41
CA ILE B 45 4.90 23.68 19.70
C ILE B 45 6.09 22.99 20.36
N SER B 46 6.34 23.31 21.64
CA SER B 46 7.51 22.78 22.33
C SER B 46 7.17 21.74 23.40
N HIS B 47 5.94 21.68 23.84
CA HIS B 47 5.55 20.80 24.94
C HIS B 47 4.14 20.28 24.63
N VAL B 48 3.90 19.02 24.94
CA VAL B 48 2.56 18.47 24.92
C VAL B 48 2.20 18.07 26.33
N PRO B 49 1.49 18.91 27.06
CA PRO B 49 1.15 18.59 28.46
C PRO B 49 0.16 17.43 28.55
N ALA B 50 0.00 16.95 29.79
CA ALA B 50 -0.97 15.90 30.09
C ALA B 50 -2.34 16.31 29.59
N ALA B 51 -3.05 15.34 29.02
CA ALA B 51 -4.46 15.48 28.66
C ALA B 51 -4.67 16.63 27.67
N SER B 52 -3.69 16.82 26.77
CA SER B 52 -3.79 17.93 25.83
C SER B 52 -4.98 17.79 24.89
N PHE B 53 -5.45 16.55 24.66
CA PHE B 53 -6.55 16.25 23.73
C PHE B 53 -7.62 15.40 24.39
N GLN B 54 -7.71 15.43 25.73
CA GLN B 54 -8.49 14.43 26.49
C GLN B 54 -9.97 14.44 26.12
N SER B 55 -10.55 15.59 25.82
CA SER B 55 -11.97 15.61 25.49
C SER B 55 -12.28 15.05 24.09
N CYS B 56 -11.28 14.90 23.21
CA CYS B 56 -11.51 14.44 21.83
C CYS B 56 -11.58 12.92 21.78
N ARG B 57 -12.63 12.36 22.39
CA ARG B 57 -12.66 10.92 22.57
C ARG B 57 -12.69 10.17 21.26
N ASN B 58 -13.19 10.78 20.18
CA ASN B 58 -13.28 10.07 18.90
C ASN B 58 -12.09 10.34 18.00
N LEU B 59 -11.02 10.92 18.53
CA LEU B 59 -9.89 11.27 17.70
C LEU B 59 -9.21 10.02 17.11
N THR B 60 -9.00 10.01 15.79
CA THR B 60 -8.27 8.90 15.20
C THR B 60 -6.97 9.30 14.56
N ILE B 61 -6.79 10.56 14.21
CA ILE B 61 -5.56 10.99 13.54
C ILE B 61 -5.06 12.25 14.22
N LEU B 62 -3.78 12.25 14.62
CA LEU B 62 -3.20 13.38 15.30
C LEU B 62 -1.83 13.63 14.69
N TRP B 63 -1.64 14.80 14.09
CA TRP B 63 -0.36 15.14 13.45
C TRP B 63 0.29 16.25 14.27
N LEU B 64 1.48 15.95 14.84
CA LEU B 64 2.28 16.89 15.61
C LEU B 64 3.70 16.96 15.05
N HIS B 65 3.91 16.51 13.82
CA HIS B 65 5.26 16.45 13.28
C HIS B 65 5.76 17.84 12.90
N SER B 66 7.10 17.97 12.82
CA SER B 66 7.71 19.24 12.38
C SER B 66 7.29 20.40 13.29
N ASN B 67 7.32 20.19 14.60
CA ASN B 67 7.14 21.24 15.57
C ASN B 67 8.48 21.54 16.22
N ALA B 68 8.47 21.93 17.48
CA ALA B 68 9.71 22.12 18.21
C ALA B 68 9.68 21.28 19.48
N LEU B 69 9.11 20.08 19.40
CA LEU B 69 8.82 19.34 20.64
C LEU B 69 10.08 19.03 21.41
N ALA B 70 10.10 19.43 22.68
CA ALA B 70 11.18 19.04 23.57
C ALA B 70 10.72 18.17 24.73
N ARG B 71 9.41 18.07 24.96
CA ARG B 71 8.88 17.24 26.05
C ARG B 71 7.47 16.83 25.69
N ILE B 72 7.15 15.54 25.86
CA ILE B 72 5.78 15.04 25.75
C ILE B 72 5.46 14.46 27.11
N ASP B 73 4.42 14.98 27.76
CA ASP B 73 4.06 14.41 29.05
C ASP B 73 3.68 12.95 28.88
N ALA B 74 3.97 12.15 29.91
CA ALA B 74 3.60 10.73 29.84
C ALA B 74 2.10 10.56 29.60
N ALA B 75 1.28 11.47 30.15
CA ALA B 75 -0.16 11.39 29.99
C ALA B 75 -0.67 12.28 28.84
N ALA B 76 0.21 12.67 27.91
CA ALA B 76 -0.23 13.60 26.84
C ALA B 76 -1.46 13.10 26.08
N PHE B 77 -1.56 11.79 25.85
CA PHE B 77 -2.54 11.22 24.92
C PHE B 77 -3.65 10.50 25.66
N THR B 78 -3.82 10.81 26.94
CA THR B 78 -4.91 10.20 27.67
C THR B 78 -6.25 10.62 27.07
N GLY B 79 -7.19 9.67 27.05
CA GLY B 79 -8.49 9.85 26.43
C GLY B 79 -8.55 9.39 24.99
N LEU B 80 -7.40 9.22 24.35
CA LEU B 80 -7.41 8.95 22.91
C LEU B 80 -7.45 7.45 22.61
N THR B 81 -8.47 6.77 23.15
CA THR B 81 -8.47 5.31 23.04
C THR B 81 -8.74 4.82 21.63
N LEU B 82 -9.27 5.68 20.77
CA LEU B 82 -9.51 5.27 19.39
C LEU B 82 -8.41 5.74 18.45
N LEU B 83 -7.35 6.36 18.97
CA LEU B 83 -6.35 6.94 18.09
C LEU B 83 -5.74 5.88 17.18
N GLU B 84 -5.65 6.18 15.89
CA GLU B 84 -5.12 5.23 14.91
C GLU B 84 -3.79 5.68 14.33
N GLN B 85 -3.55 6.97 14.17
CA GLN B 85 -2.32 7.47 13.56
CA GLN B 85 -2.31 7.46 13.57
C GLN B 85 -1.76 8.60 14.39
N LEU B 86 -0.49 8.48 14.79
CA LEU B 86 0.13 9.51 15.60
C LEU B 86 1.44 9.85 14.92
N ASP B 87 1.58 11.07 14.43
CA ASP B 87 2.82 11.48 13.76
C ASP B 87 3.52 12.47 14.68
N LEU B 88 4.65 12.03 15.27
CA LEU B 88 5.46 12.90 16.11
C LEU B 88 6.82 13.22 15.47
N SER B 89 6.98 12.91 14.19
CA SER B 89 8.30 12.95 13.55
C SER B 89 8.82 14.36 13.36
N ASP B 90 10.12 14.43 13.05
CA ASP B 90 10.77 15.69 12.73
C ASP B 90 10.63 16.68 13.89
N ASN B 91 10.92 16.19 15.12
CA ASN B 91 11.05 17.04 16.32
C ASN B 91 12.45 16.69 16.88
N ALA B 92 13.48 17.25 16.25
CA ALA B 92 14.84 16.76 16.45
C ALA B 92 15.35 16.95 17.87
N GLN B 93 14.72 17.81 18.65
CA GLN B 93 15.17 18.04 20.03
C GLN B 93 14.31 17.29 21.05
N LEU B 94 13.45 16.37 20.62
CA LEU B 94 12.65 15.58 21.54
C LEU B 94 13.53 14.74 22.47
N HIS B 95 14.42 13.93 21.90
CA HIS B 95 15.45 13.15 22.59
C HIS B 95 14.94 11.98 23.40
N VAL B 96 13.84 12.16 24.14
CA VAL B 96 13.33 11.16 25.07
C VAL B 96 11.84 11.07 24.97
N VAL B 97 11.29 9.85 24.97
CA VAL B 97 9.84 9.64 25.10
C VAL B 97 9.64 8.82 26.35
N ASP B 98 8.87 9.35 27.28
CA ASP B 98 8.61 8.59 28.49
C ASP B 98 8.05 7.23 28.10
N PRO B 99 8.52 6.15 28.72
CA PRO B 99 8.12 4.81 28.28
C PRO B 99 6.65 4.47 28.49
N THR B 100 5.84 5.31 29.17
CA THR B 100 4.40 5.04 29.32
C THR B 100 3.54 5.89 28.41
N THR B 101 4.17 6.67 27.52
CA THR B 101 3.45 7.66 26.73
C THR B 101 2.39 7.05 25.81
N PHE B 102 2.61 5.84 25.32
CA PHE B 102 1.72 5.20 24.37
C PHE B 102 0.85 4.14 25.04
N HIS B 103 0.94 4.01 26.35
CA HIS B 103 0.10 3.03 27.02
C HIS B 103 -1.35 3.41 26.81
N GLY B 104 -2.16 2.41 26.57
CA GLY B 104 -3.57 2.60 26.39
C GLY B 104 -4.01 2.90 24.96
N LEU B 105 -3.07 3.05 24.03
CA LEU B 105 -3.47 3.37 22.65
C LEU B 105 -3.68 2.07 21.86
N GLY B 106 -4.75 1.37 22.21
CA GLY B 106 -4.94 0.01 21.67
C GLY B 106 -5.40 -0.06 20.24
N HIS B 107 -5.77 1.06 19.61
CA HIS B 107 -6.14 1.05 18.21
C HIS B 107 -5.05 1.65 17.37
N LEU B 108 -3.92 2.02 17.98
CA LEU B 108 -2.88 2.73 17.22
C LEU B 108 -2.29 1.81 16.15
N HIS B 109 -2.32 2.24 14.88
CA HIS B 109 -1.81 1.45 13.76
CA HIS B 109 -1.71 1.39 13.87
C HIS B 109 -0.55 2.02 13.13
N THR B 110 -0.34 3.35 13.25
CA THR B 110 0.80 4.02 12.63
C THR B 110 1.39 4.98 13.63
N LEU B 111 2.70 4.87 13.90
CA LEU B 111 3.37 5.70 14.89
C LEU B 111 4.66 6.20 14.25
N HIS B 112 4.78 7.52 14.07
CA HIS B 112 5.97 8.11 13.45
C HIS B 112 6.79 8.73 14.55
N LEU B 113 8.04 8.25 14.72
CA LEU B 113 8.97 8.80 15.68
C LEU B 113 10.33 9.04 15.04
N ASP B 114 10.37 9.17 13.72
CA ASP B 114 11.64 9.37 13.02
C ASP B 114 12.09 10.81 13.14
N ARG B 115 13.42 11.02 13.11
CA ARG B 115 13.99 12.37 13.19
C ARG B 115 13.56 13.08 14.48
N CYS B 116 13.63 12.36 15.61
CA CYS B 116 13.28 12.93 16.90
C CYS B 116 14.45 12.97 17.87
N GLY B 117 15.66 12.75 17.38
CA GLY B 117 16.81 12.74 18.27
C GLY B 117 16.82 11.69 19.34
N LEU B 118 16.03 10.62 19.19
CA LEU B 118 15.86 9.64 20.26
C LEU B 118 17.18 8.94 20.57
N ARG B 119 17.53 8.89 21.86
CA ARG B 119 18.73 8.20 22.27
C ARG B 119 18.48 6.77 22.68
N GLU B 120 17.29 6.43 23.16
CA GLU B 120 17.04 5.05 23.49
C GLU B 120 15.56 4.75 23.37
N LEU B 121 15.25 3.45 23.31
CA LEU B 121 13.87 2.96 23.39
C LEU B 121 13.70 2.40 24.81
N GLY B 122 13.05 3.14 25.70
CA GLY B 122 12.96 2.73 27.09
C GLY B 122 12.11 1.49 27.33
N PRO B 123 12.29 0.85 28.49
CA PRO B 123 11.58 -0.40 28.80
C PRO B 123 10.08 -0.17 28.79
N GLY B 124 9.37 -1.00 28.03
CA GLY B 124 7.92 -0.89 27.96
C GLY B 124 7.40 0.14 26.98
N LEU B 125 8.27 0.80 26.22
CA LEU B 125 7.81 1.88 25.35
C LEU B 125 6.68 1.45 24.40
N PHE B 126 6.77 0.23 23.86
CA PHE B 126 5.76 -0.25 22.93
C PHE B 126 4.89 -1.34 23.52
N ARG B 127 4.75 -1.33 24.85
CA ARG B 127 3.91 -2.31 25.55
C ARG B 127 2.47 -2.26 25.06
N GLY B 128 1.92 -3.43 24.73
CA GLY B 128 0.49 -3.55 24.46
C GLY B 128 -0.02 -2.92 23.18
N LEU B 129 0.85 -2.48 22.26
CA LEU B 129 0.37 -1.85 21.04
C LEU B 129 0.07 -2.92 20.00
N ALA B 130 -0.93 -3.74 20.33
CA ALA B 130 -1.21 -4.96 19.57
C ALA B 130 -1.74 -4.67 18.15
N ALA B 131 -2.25 -3.46 17.91
CA ALA B 131 -2.75 -3.08 16.57
C ALA B 131 -1.70 -2.38 15.73
N LEU B 132 -0.51 -2.10 16.26
CA LEU B 132 0.45 -1.28 15.51
C LEU B 132 0.91 -1.99 14.24
N GLN B 133 0.85 -1.30 13.10
CA GLN B 133 1.28 -1.85 11.81
C GLN B 133 2.55 -1.23 11.27
N TYR B 134 2.71 0.07 11.43
CA TYR B 134 3.86 0.81 10.89
C TYR B 134 4.55 1.55 12.02
N LEU B 135 5.83 1.31 12.16
CA LEU B 135 6.60 1.97 13.23
C LEU B 135 7.86 2.55 12.63
N TYR B 136 7.97 3.90 12.66
CA TYR B 136 9.05 4.62 12.00
C TYR B 136 9.96 5.17 13.08
N LEU B 137 11.20 4.64 13.13
CA LEU B 137 12.17 5.06 14.13
C LEU B 137 13.48 5.47 13.47
N GLN B 138 13.45 5.71 12.16
CA GLN B 138 14.70 5.98 11.45
C GLN B 138 15.22 7.37 11.78
N ASP B 139 16.54 7.55 11.55
CA ASP B 139 17.16 8.85 11.65
C ASP B 139 16.98 9.44 13.06
N ASN B 140 17.22 8.60 14.07
CA ASN B 140 17.34 9.04 15.47
C ASN B 140 18.81 8.87 15.89
N ASN B 141 19.05 8.69 17.19
CA ASN B 141 20.38 8.54 17.73
C ASN B 141 20.46 7.24 18.53
N LEU B 142 19.73 6.21 18.10
CA LEU B 142 19.60 4.97 18.88
C LEU B 142 20.94 4.21 18.91
N GLN B 143 21.36 3.75 20.10
CA GLN B 143 22.63 3.03 20.23
C GLN B 143 22.47 1.59 20.70
N ALA B 144 21.24 1.10 20.75
CA ALA B 144 20.99 -0.25 21.20
C ALA B 144 19.61 -0.66 20.75
N LEU B 145 19.43 -1.96 20.50
CA LEU B 145 18.10 -2.54 20.28
C LEU B 145 17.90 -3.56 21.38
N PRO B 146 17.31 -3.19 22.51
CA PRO B 146 17.23 -4.13 23.64
C PRO B 146 16.29 -5.30 23.34
N ASP B 147 16.59 -6.43 23.98
CA ASP B 147 15.68 -7.58 23.94
C ASP B 147 14.24 -7.16 24.27
N ASN B 148 13.30 -7.72 23.49
CA ASN B 148 11.86 -7.63 23.75
C ASN B 148 11.29 -6.23 23.55
N THR B 149 12.04 -5.34 22.89
CA THR B 149 11.54 -3.98 22.66
C THR B 149 10.22 -3.97 21.87
N PHE B 150 10.01 -4.96 21.01
CA PHE B 150 8.83 -5.01 20.14
C PHE B 150 7.96 -6.23 20.39
N ARG B 151 8.03 -6.81 21.59
CA ARG B 151 7.50 -8.16 21.79
C ARG B 151 5.98 -8.22 21.65
N ASP B 152 5.27 -7.11 21.90
CA ASP B 152 3.81 -7.14 21.79
C ASP B 152 3.34 -6.77 20.40
N LEU B 153 4.26 -6.45 19.47
CA LEU B 153 3.85 -5.87 18.20
C LEU B 153 3.57 -6.97 17.17
N GLY B 154 2.60 -7.82 17.53
CA GLY B 154 2.35 -8.98 16.67
C GLY B 154 1.73 -8.66 15.32
N ASN B 155 1.23 -7.43 15.12
CA ASN B 155 0.63 -6.99 13.86
C ASN B 155 1.56 -6.07 13.09
N LEU B 156 2.74 -5.78 13.61
CA LEU B 156 3.62 -4.85 12.89
C LEU B 156 4.07 -5.44 11.56
N THR B 157 3.96 -4.63 10.50
CA THR B 157 4.47 -5.06 9.20
C THR B 157 5.65 -4.28 8.71
N HIS B 158 5.82 -3.02 9.16
CA HIS B 158 6.92 -2.18 8.71
C HIS B 158 7.64 -1.65 9.93
N LEU B 159 8.97 -1.90 10.00
CA LEU B 159 9.79 -1.42 11.12
C LEU B 159 11.01 -0.75 10.51
N PHE B 160 11.08 0.57 10.59
CA PHE B 160 12.18 1.32 9.98
C PHE B 160 13.09 1.80 11.09
N LEU B 161 14.36 1.35 11.04
CA LEU B 161 15.34 1.65 12.08
C LEU B 161 16.63 2.17 11.47
N HIS B 162 16.60 2.51 10.20
CA HIS B 162 17.82 2.93 9.52
C HIS B 162 18.29 4.30 10.01
N GLY B 163 19.58 4.56 9.83
CA GLY B 163 20.03 5.89 10.21
C GLY B 163 20.19 6.08 11.70
N ASN B 164 20.61 5.04 12.41
CA ASN B 164 20.86 5.14 13.85
C ASN B 164 22.29 4.67 14.10
N ARG B 165 22.61 4.33 15.34
CA ARG B 165 23.96 3.90 15.68
C ARG B 165 23.94 2.53 16.35
N ILE B 166 23.05 1.65 15.88
CA ILE B 166 22.83 0.35 16.49
C ILE B 166 24.05 -0.52 16.24
N PRO B 167 24.70 -1.08 17.27
CA PRO B 167 25.98 -1.78 17.04
C PRO B 167 25.85 -3.29 16.87
N SER B 168 24.69 -3.85 17.20
CA SER B 168 24.52 -5.30 17.16
C SER B 168 23.05 -5.61 17.27
N VAL B 169 22.69 -6.84 16.92
CA VAL B 169 21.28 -7.28 17.04
C VAL B 169 21.25 -8.44 18.01
N PRO B 170 20.77 -8.26 19.23
CA PRO B 170 20.75 -9.36 20.20
C PRO B 170 19.65 -10.36 19.88
N GLU B 171 19.70 -11.48 20.59
CA GLU B 171 18.84 -12.62 20.30
C GLU B 171 17.36 -12.26 20.24
N HIS B 172 16.87 -11.46 21.19
CA HIS B 172 15.43 -11.21 21.31
C HIS B 172 15.02 -9.81 20.91
N ALA B 173 15.91 -9.09 20.21
CA ALA B 173 15.56 -7.75 19.74
C ALA B 173 14.26 -7.76 18.98
N PHE B 174 14.08 -8.76 18.11
CA PHE B 174 12.92 -8.81 17.22
C PHE B 174 11.95 -9.92 17.59
N ARG B 175 11.99 -10.39 18.83
CA ARG B 175 11.02 -11.37 19.28
C ARG B 175 9.62 -10.78 19.17
N GLY B 176 8.68 -11.60 18.69
CA GLY B 176 7.26 -11.23 18.68
C GLY B 176 6.78 -10.58 17.40
N LEU B 177 7.67 -10.33 16.46
CA LEU B 177 7.32 -9.58 15.24
C LEU B 177 6.84 -10.53 14.14
N HIS B 178 5.77 -11.27 14.47
CA HIS B 178 5.36 -12.38 13.65
C HIS B 178 4.81 -11.96 12.30
N SER B 179 4.29 -10.74 12.17
CA SER B 179 3.71 -10.30 10.90
C SER B 179 4.67 -9.47 10.07
N LEU B 180 5.87 -9.22 10.58
CA LEU B 180 6.76 -8.29 9.91
C LEU B 180 7.07 -8.62 8.46
N ASP B 181 6.93 -7.59 7.63
CA ASP B 181 7.14 -7.65 6.20
C ASP B 181 8.45 -7.00 5.76
N ARG B 182 8.70 -5.79 6.23
CA ARG B 182 9.90 -5.05 5.86
C ARG B 182 10.66 -4.60 7.09
N LEU B 183 11.93 -4.91 7.14
CA LEU B 183 12.77 -4.52 8.28
C LEU B 183 13.95 -3.75 7.72
N LEU B 184 14.02 -2.46 8.03
CA LEU B 184 15.02 -1.57 7.45
C LEU B 184 16.02 -1.28 8.55
N LEU B 185 17.23 -1.85 8.41
CA LEU B 185 18.28 -1.73 9.41
CA LEU B 185 18.26 -1.69 9.43
C LEU B 185 19.57 -1.21 8.81
N HIS B 186 19.50 -0.65 7.62
CA HIS B 186 20.69 -0.14 6.96
C HIS B 186 21.15 1.16 7.63
N GLN B 187 22.38 1.58 7.31
CA GLN B 187 22.92 2.82 7.82
C GLN B 187 22.90 2.79 9.35
N ASN B 188 23.49 1.74 9.91
CA ASN B 188 23.69 1.64 11.34
C ASN B 188 25.15 1.27 11.57
N HIS B 189 25.45 0.72 12.75
CA HIS B 189 26.81 0.31 13.08
C HIS B 189 26.86 -1.19 13.35
N VAL B 190 25.98 -1.96 12.70
CA VAL B 190 25.74 -3.34 13.13
C VAL B 190 26.98 -4.17 12.83
N ALA B 191 27.61 -4.73 13.88
CA ALA B 191 28.80 -5.55 13.71
C ALA B 191 28.51 -7.03 13.88
N ARG B 192 27.30 -7.36 14.33
N ARG B 192 27.32 -7.36 14.37
CA ARG B 192 27.01 -8.72 14.76
CA ARG B 192 27.00 -8.71 14.81
C ARG B 192 25.50 -8.87 14.82
C ARG B 192 25.49 -8.85 14.80
N VAL B 193 25.00 -10.00 14.33
CA VAL B 193 23.60 -10.39 14.48
C VAL B 193 23.59 -11.74 15.18
N HIS B 194 22.83 -11.83 16.28
CA HIS B 194 22.76 -13.09 17.01
C HIS B 194 22.22 -14.19 16.10
N PRO B 195 22.76 -15.41 16.19
CA PRO B 195 22.30 -16.49 15.29
C PRO B 195 20.79 -16.67 15.23
N HIS B 196 20.06 -16.40 16.31
CA HIS B 196 18.63 -16.65 16.32
C HIS B 196 17.83 -15.37 16.36
N ALA B 197 18.45 -14.26 15.97
CA ALA B 197 17.80 -12.95 16.06
C ALA B 197 16.55 -12.89 15.21
N PHE B 198 16.49 -13.63 14.12
CA PHE B 198 15.35 -13.53 13.21
C PHE B 198 14.37 -14.70 13.36
N ARG B 199 14.42 -15.41 14.48
CA ARG B 199 13.56 -16.58 14.69
C ARG B 199 12.08 -16.32 14.36
N ASP B 200 11.54 -15.17 14.75
CA ASP B 200 10.10 -14.92 14.61
C ASP B 200 9.75 -14.26 13.27
N LEU B 201 10.75 -14.06 12.38
CA LEU B 201 10.55 -13.27 11.17
C LEU B 201 10.31 -14.16 9.97
N GLY B 202 9.62 -15.28 10.16
CA GLY B 202 9.35 -16.18 9.04
C GLY B 202 8.45 -15.58 7.96
N ARG B 203 7.79 -14.45 8.22
CA ARG B 203 6.98 -13.81 7.21
C ARG B 203 7.66 -12.62 6.58
N LEU B 204 8.89 -12.33 6.99
CA LEU B 204 9.60 -11.17 6.45
C LEU B 204 9.83 -11.31 4.96
N MET B 205 9.61 -10.21 4.22
CA MET B 205 9.85 -10.23 2.80
C MET B 205 11.00 -9.34 2.38
N THR B 206 11.30 -8.29 3.14
CA THR B 206 12.36 -7.35 2.78
C THR B 206 13.26 -7.13 3.99
N LEU B 207 14.57 -7.29 3.79
CA LEU B 207 15.54 -7.07 4.88
C LEU B 207 16.67 -6.20 4.31
N TYR B 208 16.89 -5.01 4.89
CA TYR B 208 18.04 -4.19 4.50
C TYR B 208 19.05 -4.18 5.64
N LEU B 209 20.26 -4.62 5.36
CA LEU B 209 21.38 -4.57 6.31
C LEU B 209 22.56 -3.85 5.70
N PHE B 210 22.38 -3.14 4.59
CA PHE B 210 23.53 -2.50 3.93
C PHE B 210 23.99 -1.30 4.75
N ALA B 211 25.24 -0.87 4.48
CA ALA B 211 25.87 0.22 5.18
C ALA B 211 25.88 -0.04 6.69
N ASN B 212 26.51 -1.16 7.05
CA ASN B 212 26.74 -1.52 8.45
C ASN B 212 28.21 -1.91 8.62
N ASN B 213 28.53 -2.67 9.68
CA ASN B 213 29.90 -3.04 10.06
C ASN B 213 30.04 -4.56 10.07
N LEU B 214 29.32 -5.25 9.17
CA LEU B 214 29.27 -6.71 9.18
C LEU B 214 30.42 -7.26 8.36
N SER B 215 31.21 -8.14 8.97
CA SER B 215 32.20 -8.88 8.19
C SER B 215 31.77 -10.33 7.91
N MET B 216 30.78 -10.83 8.66
CA MET B 216 30.33 -12.22 8.52
C MET B 216 28.96 -12.33 9.15
N LEU B 217 28.22 -13.36 8.75
CA LEU B 217 26.92 -13.67 9.37
C LEU B 217 26.96 -15.12 9.81
N PRO B 218 26.63 -15.44 11.06
CA PRO B 218 26.58 -16.85 11.46
C PRO B 218 25.61 -17.64 10.60
N ALA B 219 25.87 -18.95 10.51
CA ALA B 219 25.11 -19.81 9.62
C ALA B 219 23.60 -19.72 9.89
N GLU B 220 23.23 -19.59 11.14
CA GLU B 220 21.81 -19.62 11.45
C GLU B 220 21.04 -18.34 11.15
N VAL B 221 21.70 -17.19 10.95
CA VAL B 221 21.00 -15.90 10.97
C VAL B 221 19.87 -15.84 9.95
N LEU B 222 20.14 -16.20 8.70
CA LEU B 222 19.11 -16.03 7.68
C LEU B 222 18.21 -17.24 7.51
N MET B 223 18.50 -18.36 8.19
CA MET B 223 17.71 -19.56 7.99
C MET B 223 16.23 -19.37 8.27
N PRO B 224 15.80 -18.60 9.28
CA PRO B 224 14.35 -18.48 9.51
C PRO B 224 13.61 -17.66 8.48
N LEU B 225 14.32 -16.99 7.56
CA LEU B 225 13.68 -16.01 6.69
C LEU B 225 13.10 -16.69 5.45
N ARG B 226 12.15 -17.57 5.71
CA ARG B 226 11.65 -18.43 4.65
C ARG B 226 10.72 -17.72 3.68
N SER B 227 10.23 -16.52 4.00
CA SER B 227 9.44 -15.78 3.01
C SER B 227 10.24 -14.69 2.29
N LEU B 228 11.54 -14.56 2.57
CA LEU B 228 12.29 -13.40 2.10
C LEU B 228 12.31 -13.29 0.57
N GLN B 229 12.12 -12.08 0.05
CA GLN B 229 12.15 -11.82 -1.39
C GLN B 229 13.23 -10.82 -1.79
N TYR B 230 13.60 -9.89 -0.90
CA TYR B 230 14.49 -8.80 -1.23
C TYR B 230 15.48 -8.64 -0.09
N LEU B 231 16.77 -8.66 -0.42
CA LEU B 231 17.80 -8.67 0.62
C LEU B 231 18.91 -7.72 0.21
N ARG B 232 19.27 -6.78 1.10
CA ARG B 232 20.37 -5.86 0.78
C ARG B 232 21.46 -6.03 1.81
N LEU B 233 22.66 -6.33 1.32
CA LEU B 233 23.82 -6.61 2.17
C LEU B 233 25.04 -5.82 1.74
N ASN B 234 24.91 -4.92 0.79
CA ASN B 234 26.10 -4.22 0.26
C ASN B 234 26.67 -3.23 1.29
N ASP B 235 27.84 -2.68 0.96
CA ASP B 235 28.49 -1.70 1.82
C ASP B 235 28.64 -2.20 3.26
N ASN B 236 29.22 -3.39 3.37
CA ASN B 236 29.70 -3.97 4.62
C ASN B 236 31.08 -4.55 4.36
N PRO B 237 31.95 -4.61 5.39
CA PRO B 237 33.33 -5.15 5.23
C PRO B 237 33.40 -6.68 5.23
N TRP B 238 32.73 -7.33 4.26
CA TRP B 238 32.65 -8.80 4.24
C TRP B 238 34.03 -9.42 4.09
N VAL B 239 34.30 -10.49 4.84
CA VAL B 239 35.52 -11.28 4.61
C VAL B 239 35.14 -12.51 3.82
N CYS B 240 35.81 -12.71 2.68
CA CYS B 240 35.50 -13.79 1.75
C CYS B 240 36.59 -14.86 1.87
N ASP B 241 36.64 -15.50 3.04
CA ASP B 241 37.41 -16.73 3.14
C ASP B 241 36.45 -17.83 3.57
N CYS B 242 36.99 -18.91 4.14
CA CYS B 242 36.15 -20.06 4.40
C CYS B 242 35.08 -19.74 5.43
N ARG B 243 35.25 -18.67 6.22
CA ARG B 243 34.19 -18.25 7.15
C ARG B 243 32.94 -17.76 6.46
N ALA B 244 33.05 -17.36 5.20
CA ALA B 244 31.89 -16.93 4.43
C ALA B 244 31.15 -18.09 3.78
N ARG B 245 31.65 -19.32 3.91
CA ARG B 245 31.03 -20.39 3.15
C ARG B 245 29.54 -20.56 3.51
N PRO B 246 29.12 -20.51 4.77
CA PRO B 246 27.67 -20.66 5.02
C PRO B 246 26.84 -19.57 4.37
N LEU B 247 27.27 -18.32 4.44
CA LEU B 247 26.53 -17.24 3.77
C LEU B 247 26.52 -17.45 2.26
N TRP B 248 27.67 -17.81 1.69
CA TRP B 248 27.75 -18.13 0.26
C TRP B 248 26.73 -19.20 -0.12
N ALA B 249 26.66 -20.30 0.64
CA ALA B 249 25.78 -21.39 0.29
C ALA B 249 24.33 -20.96 0.34
N TRP B 250 23.99 -20.16 1.35
CA TRP B 250 22.62 -19.66 1.48
C TRP B 250 22.26 -18.79 0.29
N LEU B 251 23.20 -17.92 -0.11
CA LEU B 251 22.97 -17.06 -1.28
C LEU B 251 22.82 -17.88 -2.56
N GLN B 252 23.52 -19.02 -2.67
CA GLN B 252 23.36 -19.83 -3.87
C GLN B 252 21.95 -20.39 -3.98
N LYS B 253 21.32 -20.70 -2.83
CA LYS B 253 19.99 -21.32 -2.80
C LYS B 253 18.86 -20.32 -2.73
N PHE B 254 19.17 -19.07 -2.42
CA PHE B 254 18.14 -18.04 -2.26
C PHE B 254 17.43 -17.80 -3.57
N ARG B 255 16.08 -17.81 -3.54
CA ARG B 255 15.25 -17.67 -4.71
C ARG B 255 14.80 -16.25 -4.98
N GLY B 256 15.04 -15.33 -4.06
CA GLY B 256 14.71 -13.94 -4.25
C GLY B 256 15.87 -13.15 -4.83
N SER B 257 15.85 -11.84 -4.60
CA SER B 257 16.86 -10.95 -5.17
C SER B 257 17.68 -10.38 -4.05
N SER B 258 18.99 -10.47 -4.18
CA SER B 258 19.88 -9.89 -3.20
C SER B 258 20.80 -8.91 -3.89
N SER B 259 21.27 -7.92 -3.12
CA SER B 259 22.30 -7.03 -3.61
C SER B 259 23.59 -7.79 -3.83
N GLU B 260 24.56 -7.11 -4.43
CA GLU B 260 25.94 -7.56 -4.36
C GLU B 260 26.36 -7.68 -2.89
N VAL B 261 27.28 -8.60 -2.64
CA VAL B 261 27.82 -8.85 -1.31
C VAL B 261 29.33 -8.63 -1.47
N PRO B 262 29.82 -7.40 -1.42
CA PRO B 262 31.18 -7.15 -1.95
C PRO B 262 32.23 -7.56 -0.93
N CYS B 263 33.20 -8.34 -1.40
CA CYS B 263 34.30 -8.78 -0.55
C CYS B 263 35.20 -7.61 -0.24
N ASN B 264 35.47 -7.41 1.05
CA ASN B 264 36.45 -6.42 1.42
C ASN B 264 37.85 -7.02 1.48
N LEU B 265 37.95 -8.21 2.02
CA LEU B 265 39.20 -8.94 2.16
C LEU B 265 38.86 -10.40 1.92
N PRO B 266 39.85 -11.23 1.57
CA PRO B 266 41.29 -10.94 1.34
C PRO B 266 41.48 -10.08 0.10
N GLN B 267 42.65 -9.48 -0.04
CA GLN B 267 42.90 -8.52 -1.11
C GLN B 267 42.69 -9.14 -2.50
N ARG B 268 43.07 -10.41 -2.69
CA ARG B 268 42.93 -11.01 -4.01
CA ARG B 268 42.94 -11.02 -4.01
C ARG B 268 41.48 -11.06 -4.45
N LEU B 269 40.53 -11.03 -3.52
N LEU B 269 40.53 -11.10 -3.52
CA LEU B 269 39.10 -11.07 -3.83
CA LEU B 269 39.11 -11.12 -3.83
C LEU B 269 38.38 -9.73 -3.67
C LEU B 269 38.44 -9.76 -3.64
N ALA B 270 39.10 -8.63 -3.39
N ALA B 270 39.21 -8.68 -3.51
CA ALA B 270 38.43 -7.37 -3.08
CA ALA B 270 38.65 -7.38 -3.16
C ALA B 270 37.63 -6.81 -4.25
C ALA B 270 37.66 -6.90 -4.23
N ASP B 271 37.90 -7.26 -5.47
N ASP B 271 36.55 -6.32 -3.77
CA ASP B 271 37.07 -6.98 -6.64
CA ASP B 271 35.46 -5.79 -4.60
C ASP B 271 36.06 -8.10 -6.86
C ASP B 271 34.60 -6.90 -5.24
N ARG B 272 35.44 -8.68 -5.84
N ARG B 272 35.12 -8.12 -5.34
CA ARG B 272 34.48 -9.76 -6.05
CA ARG B 272 34.36 -9.23 -5.92
C ARG B 272 33.22 -9.57 -5.22
C ARG B 272 33.10 -9.49 -5.12
N ASP B 273 32.12 -10.08 -5.78
CA ASP B 273 30.83 -10.30 -5.14
C ASP B 273 30.81 -11.74 -4.58
N LEU B 274 30.61 -11.88 -3.27
CA LEU B 274 30.57 -13.20 -2.65
C LEU B 274 29.62 -14.13 -3.38
N LYS B 275 28.48 -13.59 -3.85
CA LYS B 275 27.50 -14.41 -4.59
C LYS B 275 28.09 -15.08 -5.79
N ARG B 276 29.04 -14.43 -6.46
CA ARG B 276 29.59 -14.93 -7.71
C ARG B 276 30.85 -15.76 -7.52
N LEU B 277 31.33 -15.91 -6.30
CA LEU B 277 32.49 -16.76 -6.06
C LEU B 277 32.12 -18.24 -6.26
N ALA B 278 33.15 -19.03 -6.53
CA ALA B 278 33.08 -20.49 -6.55
C ALA B 278 33.39 -21.04 -5.17
N ALA B 279 32.89 -22.26 -4.91
CA ALA B 279 33.24 -22.91 -3.65
C ALA B 279 34.76 -22.99 -3.47
N SER B 280 35.49 -23.22 -4.57
CA SER B 280 36.95 -23.36 -4.51
C SER B 280 37.64 -22.10 -4.00
N ASP B 281 36.99 -20.93 -4.13
CA ASP B 281 37.49 -19.65 -3.62
C ASP B 281 37.41 -19.54 -2.11
N LEU B 282 36.62 -20.41 -1.48
CA LEU B 282 36.29 -20.35 -0.07
C LEU B 282 36.71 -21.60 0.71
N GLU B 283 37.69 -22.35 0.21
CA GLU B 283 38.12 -23.55 0.92
C GLU B 283 38.86 -23.20 2.21
N GLY B 284 38.86 -24.16 3.14
CA GLY B 284 39.67 -24.02 4.33
C GLY B 284 39.04 -24.40 5.66
N CYS B 285 37.72 -24.30 5.78
CA CYS B 285 37.06 -24.59 7.06
C CYS B 285 35.55 -24.75 6.91
N ALA C 3 7.64 -31.38 10.37
CA ALA C 3 6.85 -32.16 9.44
C ALA C 3 5.60 -31.39 9.01
N TRP C 4 5.71 -30.07 8.97
CA TRP C 4 4.58 -29.26 8.52
C TRP C 4 4.26 -29.51 7.05
N ASP C 5 2.98 -29.45 6.71
CA ASP C 5 2.62 -29.33 5.30
C ASP C 5 2.67 -27.87 4.91
N GLU C 6 2.50 -27.63 3.61
CA GLU C 6 2.57 -26.28 3.07
C GLU C 6 1.38 -25.43 3.52
N TRP C 7 1.63 -24.14 3.72
CA TRP C 7 0.55 -23.20 4.01
C TRP C 7 -0.46 -23.25 2.88
N SER C 8 -1.73 -23.16 3.23
CA SER C 8 -2.76 -22.91 2.25
C SER C 8 -2.56 -21.52 1.62
N PRO C 9 -3.16 -21.25 0.46
CA PRO C 9 -3.09 -19.88 -0.06
C PRO C 9 -3.83 -18.96 0.90
N TRP C 10 -3.38 -17.70 0.96
CA TRP C 10 -4.14 -16.71 1.73
C TRP C 10 -5.59 -16.67 1.25
N SER C 11 -6.50 -16.51 2.21
CA SER C 11 -7.94 -16.44 1.93
C SER C 11 -8.30 -15.15 1.20
N LEU C 12 -9.54 -15.13 0.66
CA LEU C 12 -10.14 -13.88 0.29
C LEU C 12 -10.17 -12.94 1.50
N CYS C 13 -10.23 -11.65 1.21
CA CYS C 13 -10.27 -10.69 2.30
C CYS C 13 -11.60 -10.79 3.04
N SER C 14 -11.54 -10.63 4.38
CA SER C 14 -12.75 -10.76 5.20
C SER C 14 -13.80 -9.71 4.85
N SER C 15 -13.39 -8.54 4.38
CA SER C 15 -14.28 -7.47 3.95
C SER C 15 -13.64 -6.85 2.72
N THR C 16 -14.44 -6.33 1.80
CA THR C 16 -13.83 -5.63 0.69
C THR C 16 -13.90 -4.10 0.88
N CYS C 17 -14.35 -3.66 2.03
CA CYS C 17 -14.37 -2.25 2.38
C CYS C 17 -13.58 -2.06 3.66
N GLY C 18 -12.67 -1.11 3.70
CA GLY C 18 -11.96 -0.85 4.95
C GLY C 18 -11.03 -1.97 5.39
N ARG C 19 -10.72 -1.98 6.69
CA ARG C 19 -9.75 -2.91 7.24
C ARG C 19 -10.32 -4.31 7.24
N GLY C 20 -9.57 -5.24 6.69
CA GLY C 20 -9.97 -6.62 6.79
C GLY C 20 -8.76 -7.53 7.00
N PHE C 21 -8.98 -8.84 6.98
CA PHE C 21 -7.86 -9.76 7.14
C PHE C 21 -8.04 -10.95 6.21
N ARG C 22 -6.92 -11.57 5.90
CA ARG C 22 -6.89 -12.87 5.24
C ARG C 22 -6.30 -13.86 6.22
N ASP C 23 -6.65 -15.14 6.05
CA ASP C 23 -5.97 -16.14 6.84
C ASP C 23 -5.47 -17.27 5.96
N ARG C 24 -4.59 -18.09 6.54
CA ARG C 24 -4.10 -19.30 5.90
C ARG C 24 -3.77 -20.29 7.00
N THR C 25 -3.75 -21.56 6.63
CA THR C 25 -3.58 -22.65 7.59
C THR C 25 -2.64 -23.72 7.04
N ARG C 26 -2.10 -24.53 7.94
CA ARG C 26 -1.33 -25.70 7.54
C ARG C 26 -1.55 -26.77 8.60
N THR C 27 -1.34 -28.01 8.19
CA THR C 27 -1.53 -29.15 9.07
C THR C 27 -0.20 -29.85 9.34
N CYS C 28 -0.04 -30.35 10.56
CA CYS C 28 1.20 -31.01 10.96
C CYS C 28 1.27 -32.45 10.45
N ARG C 29 2.45 -32.87 10.01
CA ARG C 29 2.75 -34.24 9.56
C ARG C 29 1.72 -34.80 8.59
N CYS C 38 7.44 -30.51 14.81
CA CYS C 38 6.37 -29.62 14.32
C CYS C 38 6.24 -28.38 15.19
N GLU C 39 7.15 -27.43 15.00
CA GLU C 39 7.16 -26.20 15.75
C GLU C 39 6.76 -25.05 14.84
N GLY C 40 5.99 -24.11 15.39
CA GLY C 40 5.46 -23.00 14.62
C GLY C 40 3.94 -23.00 14.62
N PRO C 41 3.35 -21.95 14.07
CA PRO C 41 1.89 -21.80 14.12
C PRO C 41 1.17 -22.70 13.14
N GLU C 42 -0.13 -22.87 13.40
CA GLU C 42 -1.05 -23.62 12.58
C GLU C 42 -1.88 -22.71 11.65
N LYS C 43 -2.11 -21.48 12.07
CA LYS C 43 -2.92 -20.51 11.35
C LYS C 43 -2.23 -19.15 11.46
N GLN C 44 -2.31 -18.36 10.39
CA GLN C 44 -1.81 -16.99 10.34
C GLN C 44 -2.89 -16.10 9.74
N THR C 45 -2.83 -14.83 10.07
CA THR C 45 -3.69 -13.83 9.44
C THR C 45 -2.79 -12.69 8.98
N LYS C 46 -3.25 -11.98 7.96
CA LYS C 46 -2.53 -10.81 7.52
C LYS C 46 -3.53 -9.75 7.13
N PHE C 47 -3.11 -8.49 7.21
CA PHE C 47 -3.99 -7.38 6.88
C PHE C 47 -4.35 -7.32 5.39
N CYS C 48 -5.59 -6.93 5.11
CA CYS C 48 -5.95 -6.55 3.74
C CYS C 48 -6.85 -5.34 3.76
N ASN C 49 -6.78 -4.56 2.68
CA ASN C 49 -7.68 -3.45 2.48
C ASN C 49 -7.92 -3.34 0.98
N ILE C 50 -9.11 -3.66 0.55
CA ILE C 50 -9.40 -3.62 -0.89
C ILE C 50 -9.81 -2.22 -1.32
N ALA C 51 -10.72 -1.60 -0.58
CA ALA C 51 -11.26 -0.31 -1.02
C ALA C 51 -11.76 0.47 0.16
N LEU C 52 -11.89 1.78 -0.04
CA LEU C 52 -12.60 2.65 0.90
C LEU C 52 -14.04 2.77 0.42
N CYS C 53 -14.98 2.54 1.32
CA CYS C 53 -16.39 2.62 1.00
C CYS C 53 -17.07 3.67 1.86
N PRO C 54 -17.66 4.71 1.28
CA PRO C 54 -18.33 5.79 2.02
C PRO C 54 -19.41 5.28 2.96
N TRP D 4 9.47 -20.78 -23.20
CA TRP D 4 9.92 -19.86 -22.15
C TRP D 4 10.42 -20.58 -20.90
N ASP D 5 11.48 -20.08 -20.29
CA ASP D 5 11.81 -20.50 -18.94
C ASP D 5 11.09 -19.59 -17.95
N GLU D 6 11.18 -19.93 -16.67
CA GLU D 6 10.45 -19.20 -15.64
C GLU D 6 10.93 -17.75 -15.52
N TRP D 7 10.02 -16.85 -15.15
CA TRP D 7 10.43 -15.49 -14.82
C TRP D 7 11.45 -15.51 -13.69
N SER D 8 12.46 -14.65 -13.81
CA SER D 8 13.35 -14.37 -12.70
C SER D 8 12.55 -13.73 -11.57
N PRO D 9 13.11 -13.71 -10.36
CA PRO D 9 12.46 -12.95 -9.28
C PRO D 9 12.49 -11.47 -9.59
N TRP D 10 11.46 -10.76 -9.12
CA TRP D 10 11.52 -9.31 -9.21
C TRP D 10 12.81 -8.78 -8.59
N SER D 11 13.41 -7.79 -9.25
CA SER D 11 14.65 -7.18 -8.76
C SER D 11 14.41 -6.38 -7.47
N LEU D 12 15.52 -6.00 -6.83
CA LEU D 12 15.47 -4.92 -5.84
C LEU D 12 14.88 -3.65 -6.47
N CYS D 13 14.32 -2.80 -5.62
CA CYS D 13 13.72 -1.56 -6.10
C CYS D 13 14.82 -0.64 -6.62
N SER D 14 14.53 0.09 -7.71
CA SER D 14 15.53 0.97 -8.32
C SER D 14 15.97 2.08 -7.37
N SER D 15 15.09 2.46 -6.45
CA SER D 15 15.40 3.46 -5.44
C SER D 15 14.69 3.05 -4.16
N THR D 16 15.27 3.38 -3.01
CA THR D 16 14.54 3.09 -1.78
C THR D 16 13.81 4.31 -1.22
N CYS D 17 13.79 5.39 -1.99
CA CYS D 17 13.08 6.60 -1.64
C CYS D 17 12.12 6.94 -2.76
N GLY D 18 10.87 7.22 -2.45
CA GLY D 18 9.96 7.67 -3.49
C GLY D 18 9.65 6.60 -4.54
N ARG D 19 9.25 7.08 -5.72
CA ARG D 19 8.83 6.19 -6.80
C ARG D 19 10.02 5.44 -7.38
N GLY D 20 9.91 4.13 -7.46
CA GLY D 20 10.91 3.35 -8.16
C GLY D 20 10.28 2.21 -8.91
N PHE D 21 11.08 1.33 -9.48
CA PHE D 21 10.57 0.17 -10.19
C PHE D 21 11.45 -1.05 -9.90
N ARG D 22 10.83 -2.21 -10.09
CA ARG D 22 11.52 -3.50 -10.11
C ARG D 22 11.38 -4.05 -11.52
N ASP D 23 12.30 -4.89 -11.95
CA ASP D 23 12.14 -5.60 -13.22
C ASP D 23 12.39 -7.09 -13.02
N ARG D 24 11.96 -7.87 -14.01
CA ARG D 24 12.26 -9.29 -14.07
C ARG D 24 12.30 -9.67 -15.53
N THR D 25 12.96 -10.79 -15.81
CA THR D 25 13.24 -11.21 -17.17
C THR D 25 13.07 -12.72 -17.29
N ARG D 26 12.93 -13.19 -18.53
CA ARG D 26 12.96 -14.63 -18.80
C ARG D 26 13.64 -14.81 -20.15
N THR D 27 14.23 -15.97 -20.35
CA THR D 27 15.07 -16.25 -21.51
C THR D 27 14.40 -17.26 -22.42
N CYS D 28 14.65 -17.12 -23.73
CA CYS D 28 14.09 -18.01 -24.73
C CYS D 28 14.81 -19.36 -24.70
N ARG D 29 14.04 -20.44 -24.80
CA ARG D 29 14.64 -21.77 -24.78
C ARG D 29 14.78 -22.37 -26.17
N PRO D 41 6.28 -11.47 -23.61
CA PRO D 41 7.33 -10.47 -23.41
C PRO D 41 8.61 -11.07 -22.81
N GLU D 42 9.71 -10.32 -22.93
CA GLU D 42 11.00 -10.70 -22.38
C GLU D 42 11.32 -10.05 -21.04
N LYS D 43 10.83 -8.86 -20.78
CA LYS D 43 11.13 -8.12 -19.57
C LYS D 43 9.84 -7.46 -19.13
N GLN D 44 9.66 -7.38 -17.82
CA GLN D 44 8.54 -6.68 -17.22
C GLN D 44 9.09 -5.78 -16.14
N THR D 45 8.38 -4.70 -15.87
CA THR D 45 8.70 -3.83 -14.75
C THR D 45 7.46 -3.61 -13.90
N LYS D 46 7.66 -3.36 -12.62
CA LYS D 46 6.53 -3.00 -11.79
C LYS D 46 6.94 -1.93 -10.80
N PHE D 47 5.94 -1.18 -10.37
CA PHE D 47 6.16 -0.07 -9.44
C PHE D 47 6.59 -0.56 -8.06
N CYS D 48 7.47 0.21 -7.43
CA CYS D 48 7.78 -0.02 -6.02
C CYS D 48 7.96 1.32 -5.34
N ASN D 49 7.66 1.34 -4.04
CA ASN D 49 7.91 2.49 -3.21
C ASN D 49 8.25 1.96 -1.84
N ILE D 50 9.49 2.15 -1.41
CA ILE D 50 9.91 1.66 -0.10
C ILE D 50 9.64 2.70 0.99
N ALA D 51 10.03 3.95 0.77
CA ALA D 51 9.94 4.92 1.86
C ALA D 51 9.83 6.30 1.28
N LEU D 52 9.35 7.22 2.11
CA LEU D 52 9.39 8.63 1.79
C LEU D 52 10.64 9.17 2.46
N CYS D 53 11.43 9.92 1.71
CA CYS D 53 12.66 10.49 2.25
C CYS D 53 12.62 12.01 2.14
N PRO D 54 12.47 12.74 3.24
CA PRO D 54 12.45 14.20 3.22
C PRO D 54 13.73 14.83 2.65
C1 FUC E . -16.42 -5.64 -1.87
C2 FUC E . -17.88 -5.44 -1.67
C3 FUC E . -18.13 -4.03 -1.10
C4 FUC E . -17.52 -2.94 -2.03
C5 FUC E . -16.06 -3.27 -2.23
C6 FUC E . -15.35 -2.37 -3.21
O2 FUC E . -18.41 -6.45 -0.78
O3 FUC E . -19.54 -3.75 -1.05
O4 FUC E . -18.19 -2.87 -3.28
O5 FUC E . -15.89 -4.64 -2.71
C2 BGC E . -21.42 -2.66 0.01
C3 BGC E . -21.91 -2.05 1.32
C4 BGC E . -21.58 -2.98 2.46
C5 BGC E . -20.09 -3.27 2.53
C6 BGC E . -19.69 -4.19 3.66
C1 BGC E . -19.93 -3.04 0.15
O2 BGC E . -21.57 -1.77 -1.09
O3 BGC E . -23.32 -1.94 1.27
O4 BGC E . -21.99 -2.36 3.68
O5 BGC E . -19.72 -3.88 1.28
O6 BGC E . -18.27 -4.42 3.62
C1 FUC F . 17.11 3.17 0.81
C2 FUC F . 18.21 4.17 0.93
C3 FUC F . 17.63 5.58 1.13
C4 FUC F . 16.70 5.56 2.35
C5 FUC F . 15.65 4.49 2.17
C6 FUC F . 14.72 4.35 3.36
O2 FUC F . 19.03 4.17 -0.24
O3 FUC F . 18.68 6.45 1.44
O4 FUC F . 17.45 5.31 3.54
O5 FUC F . 16.25 3.21 1.95
C2 BGC F . 19.69 8.62 1.23
C3 BGC F . 19.65 9.92 0.46
C4 BGC F . 19.69 9.64 -1.04
C5 BGC F . 18.53 8.73 -1.45
C6 BGC F . 18.52 8.34 -2.92
C1 BGC F . 18.56 7.71 0.75
O2 BGC F . 19.54 8.85 2.64
O3 BGC F . 20.76 10.72 0.85
O4 BGC F . 19.59 10.89 -1.67
O5 BGC F . 18.64 7.53 -0.66
O6 BGC F . 17.41 7.48 -3.22
C1 NAG G . 5.43 3.17 -15.64
C2 NAG G . 6.13 4.52 -15.63
C3 NAG G . 7.65 4.33 -15.51
C4 NAG G . 7.99 3.45 -14.30
C5 NAG G . 7.21 2.13 -14.36
C6 NAG G . 7.35 1.31 -13.10
C7 NAG G . 5.37 6.54 -16.85
C8 NAG G . 5.33 7.21 -15.52
N2 NAG G . 5.79 5.25 -16.84
O3 NAG G . 8.24 5.62 -15.37
O4 NAG G . 9.38 3.13 -14.26
O5 NAG G . 5.81 2.41 -14.49
O6 NAG G . 6.71 1.94 -12.00
O7 NAG G . 5.05 7.12 -17.89
C1 NAG H . 7.69 25.92 -9.71
C2 NAG H . 7.57 27.43 -9.54
C3 NAG H . 8.87 28.13 -9.97
C4 NAG H . 10.08 27.51 -9.28
C5 NAG H . 10.07 26.00 -9.50
C6 NAG H . 11.20 25.27 -8.82
C7 NAG H . 5.47 28.65 -9.75
C8 NAG H . 4.38 29.11 -10.67
N2 NAG H . 6.45 27.93 -10.30
O3 NAG H . 8.79 29.50 -9.58
O4 NAG H . 11.26 28.08 -9.85
O5 NAG H . 8.84 25.45 -8.99
O6 NAG H . 11.07 25.33 -7.40
O7 NAG H . 5.50 28.94 -8.57
C1' PAB I . -0.93 18.00 4.80
C1' PAB I . -8.53 16.19 4.40
O1' PAB I . -0.68 19.16 5.10
O1' PAB I . -9.26 17.22 4.67
O2' PAB I . -0.06 17.07 4.60
O2' PAB I . -8.97 15.04 4.04
C1 PAB I . -2.36 17.52 4.66
C1 PAB I . -7.02 16.28 4.42
C2 PAB I . -3.43 18.29 5.07
C2 PAB I . -6.34 17.49 4.48
C3 PAB I . -4.73 17.82 4.96
C3 PAB I . -4.95 17.55 4.47
C4 PAB I . -4.93 16.54 4.44
C4 PAB I . -4.24 16.34 4.40
C5 PAB I . -3.86 15.73 4.02
C5 PAB I . -4.90 15.09 4.33
C6 PAB I . -2.55 16.24 4.13
C6 PAB I . -6.30 15.06 4.34
N4 PAB I . -6.26 16.05 4.33
N4 PAB I . -2.83 16.39 4.38
O1 PG4 J . -25.09 -0.52 -23.18
C1 PG4 J . -24.94 -1.63 -24.01
C2 PG4 J . -23.53 -1.67 -24.57
O2 PG4 J . -23.29 -2.93 -25.14
C3 PG4 J . -22.39 -3.73 -24.41
C4 PG4 J . -21.12 -4.02 -25.19
O3 PG4 J . -20.11 -3.19 -24.72
C5 PG4 J . -19.23 -2.75 -25.71
C6 PG4 J . -19.27 -1.22 -25.79
O4 PG4 J . -19.46 -0.76 -27.10
C7 PG4 J . -20.54 0.13 -27.25
C8 PG4 J . -20.24 1.40 -26.46
O5 PG4 J . -21.39 2.20 -26.42
C1 EDO K . -2.99 13.62 -24.55
O1 EDO K . -2.97 12.97 -25.85
C2 EDO K . -2.53 12.62 -23.48
O2 EDO K . -3.06 12.82 -22.15
C1 EDO L . -13.19 -20.71 -17.44
O1 EDO L . -12.98 -19.64 -18.38
C2 EDO L . -11.97 -21.63 -17.45
O2 EDO L . -11.99 -22.43 -18.64
C1 EDO M . -5.47 31.07 -12.56
O1 EDO M . -4.64 31.47 -13.66
C2 EDO M . -4.80 29.85 -11.96
O2 EDO M . -4.38 30.02 -10.59
C1 EDO N . -12.69 20.33 -26.83
O1 EDO N . -12.71 21.74 -26.60
C2 EDO N . -14.13 19.82 -26.73
O2 EDO N . -14.27 18.51 -27.28
C1 EDO O . -18.42 0.55 -3.47
O1 EDO O . -19.39 0.48 -2.42
C2 EDO O . -17.51 1.77 -3.31
O2 EDO O . -16.10 1.46 -3.39
CL CL P . -10.12 -10.73 -1.95
C1 NAG Q . -4.17 -7.69 13.98
C2 NAG Q . -5.42 -7.10 14.55
C3 NAG Q . -6.63 -7.94 14.14
C4 NAG Q . -6.68 -8.07 12.61
C5 NAG Q . -5.37 -8.65 12.11
C6 NAG Q . -5.25 -8.62 10.60
C7 NAG Q . -5.51 -5.86 16.65
C8 NAG Q . -5.32 -5.90 18.14
N2 NAG Q . -5.30 -7.01 16.00
O3 NAG Q . -7.84 -7.33 14.59
O4 NAG Q . -7.74 -8.92 12.19
O5 NAG Q . -4.30 -7.82 12.57
O6 NAG Q . -5.04 -7.29 10.14
O7 NAG Q . -5.84 -4.83 16.06
C1 NAG R . -18.02 10.44 19.59
C2 NAG R . -18.70 11.66 20.20
C3 NAG R . -20.08 11.30 20.75
C4 NAG R . -20.91 10.61 19.68
C5 NAG R . -20.15 9.43 19.10
C6 NAG R . -20.84 8.81 17.91
C7 NAG R . -17.48 13.49 21.25
C8 NAG R . -16.65 13.94 22.43
N2 NAG R . -17.86 12.22 21.25
O3 NAG R . -20.76 12.48 21.14
O4 NAG R . -22.10 10.15 20.29
O5 NAG R . -18.87 9.87 18.61
O6 NAG R . -21.09 9.79 16.92
O7 NAG R . -17.81 14.25 20.35
C1 EDO S . -0.96 -0.65 26.26
O1 EDO S . -0.49 0.28 25.28
C2 EDO S . -0.22 -0.61 27.59
O2 EDO S . -1.13 -0.13 28.57
C1 EDO T . 23.93 -16.86 6.93
O1 EDO T . 23.21 -16.64 8.14
C2 EDO T . 23.29 -18.02 6.18
O2 EDO T . 23.76 -19.25 6.73
C ACT U . -12.49 1.61 23.15
O ACT U . -12.21 2.51 24.02
OXT ACT U . -11.84 0.58 22.81
CH3 ACT U . -13.86 1.83 22.39
CL CL V . 14.18 -3.64 -2.41
C1 MAN W . -0.55 -14.96 0.27
C2 MAN W . 0.17 -16.19 -0.22
C3 MAN W . 0.69 -15.92 -1.68
C4 MAN W . 1.50 -14.59 -1.74
C5 MAN W . 0.71 -13.38 -1.17
C6 MAN W . -0.43 -12.82 -2.06
O2 MAN W . -0.76 -17.28 -0.24
O3 MAN W . -0.36 -15.90 -2.66
O4 MAN W . 2.67 -14.77 -0.98
O5 MAN W . 0.21 -13.74 0.13
O6 MAN W . -1.23 -11.85 -1.31
C1 MAN X . 4.27 -21.31 4.26
C2 MAN X . 5.20 -22.53 4.31
C3 MAN X . 6.38 -22.34 3.36
C4 MAN X . 7.08 -21.03 3.61
C5 MAN X . 6.10 -19.82 3.54
C6 MAN X . 5.67 -19.38 2.15
O2 MAN X . 4.56 -23.72 3.85
O3 MAN X . 5.97 -22.46 2.01
O4 MAN X . 7.61 -21.11 4.91
O5 MAN X . 4.91 -20.05 4.31
O6 MAN X . 4.81 -18.26 2.33
C1 EDO Y . -3.49 -6.23 0.78
O1 EDO Y . -4.66 -5.43 0.55
C2 EDO Y . -3.63 -7.71 0.38
O2 EDO Y . -3.14 -8.63 1.39
C1 MAN Z . 7.79 -10.43 -7.59
C2 MAN Z . 7.90 -11.95 -7.75
C3 MAN Z . 7.53 -12.60 -6.40
C4 MAN Z . 6.17 -12.07 -5.84
C5 MAN Z . 6.09 -10.52 -5.75
C6 MAN Z . 6.90 -9.89 -4.61
O2 MAN Z . 9.23 -12.35 -8.12
O3 MAN Z . 8.57 -12.45 -5.42
O4 MAN Z . 5.17 -12.50 -6.72
O5 MAN Z . 6.52 -9.98 -7.03
O6 MAN Z . 6.99 -8.43 -4.75
C1 MAN AA . 6.25 -15.70 -14.86
C2 MAN AA . 6.06 -16.99 -15.62
C3 MAN AA . 4.97 -17.84 -14.93
C4 MAN AA . 3.65 -17.03 -14.74
C5 MAN AA . 3.87 -15.73 -13.95
C6 MAN AA . 3.96 -15.89 -12.43
O2 MAN AA . 7.26 -17.78 -15.61
O3 MAN AA . 5.46 -18.37 -13.70
O4 MAN AA . 3.10 -16.69 -16.01
O5 MAN AA . 5.05 -15.01 -14.48
O6 MAN AA . 5.27 -15.74 -11.99
#